data_6PB1
#
_entry.id   6PB1
#
_cell.length_a   1.00
_cell.length_b   1.00
_cell.length_c   1.00
_cell.angle_alpha   90.00
_cell.angle_beta   90.00
_cell.angle_gamma   90.00
#
_symmetry.space_group_name_H-M   'P 1'
#
loop_
_entity.id
_entity.type
_entity.pdbx_description
1 polymer 'Corticotropin-releasing factor receptor 2'
2 polymer Urocortin
3 polymer 'Guanine nucleotide-binding protein G(s) subunit alpha isoforms short,Guanine nucleotide-binding protein G(i) subunit alpha-1,Guanine nucleotide-binding protein G(s) subunit alpha isoforms short'
4 polymer 'Guanine nucleotide-binding protein G(I)/G(S)/G(T) subunit beta-1'
5 polymer 'Guanine nucleotide-binding protein G(I)/G(S)/G(O) subunit gamma-2'
6 polymer 'Nanobody 35'
7 non-polymer CHOLESTEROL
8 non-polymer 'PALMITIC ACID'
#
loop_
_entity_poly.entity_id
_entity_poly.type
_entity_poly.pdbx_seq_one_letter_code
_entity_poly.pdbx_strand_id
1 'polypeptide(L)'
;DAALLHSLLEANCSLALAEELLLDGWGPPLDPEGPYSYCNTTLDQIGTCWPRSAAGALVERPCPEYFNGVKYNTTRNAYR
ECLENGTWASKINYSQCEPILDDKQRKYDLHYRIALVVNYLGHCVSVAALVAAFLLFLALRSIRCLRNVIHWNLITTFIL
RNVMWFLLQLVDHEVHESNEVWCRCITTIFNYFVVTNFFWMFVEGCYLHTAIVMTYSTERLRKCLFLFIGWCIPFPIIVA
WAIGKLYYENEQCWFGKEPGDLVDYIYQGPIILVLLINFVFLFNIVRILMTKLRASTTSETIQYRKAVKATLVLLPLLGI
TYMLFFVNPGEDDLSQIMFIYFNSFLQSFQGFFVSVFYCFFNGEVRSAVRKRWHRWQDHHSLRVPMA
;
P
2 'polypeptide(L)' DNPSLSIDLTFHLLRTLLELARTQSQRERAEQNRIIFDSV U
3 'polypeptide(L)'
;MGCLGNSKTEDQRNEEKAQREANKKIEKQLQKDKQVYRATHRLLLLGAGESGKSTIVKQMRILHVNGYSEEECKQYKAVV
YSNTIQSIIAIIRAMGRLKIDFGDSARADDARQLFVLAGAAEEGFMTAELAGVIKRLWKDSGVQACFNRSREYQLNDSAA
YYLNDLDRIAQPNYIPTQQDVLRTRVKTTGIFETKFQVDKVNFHMFDVGAQRDERRKWIQCFNDVTAIIFVVASSSYNMV
IREDNQTNRLQEALNLFKSIWNNRWLRTISVILFLNKQDLLAEKVLAGKSKIEDYFPEFARYTTPEDATPEPGEDPRVTR
AKYFIRDEFLRISTASGDGRHYCYPHFTCSVDTENIRRVFNDCRDIIQRMHLRQYELL
;
A
4 'polypeptide(L)'
;MGSLLQSELDQLRQEAEQLKNQIRDARKACADATLSQITNNIDPVGRIQMRTRRTLRGHLAKIYAMHWGTDSRLLVSASQ
DGKLIIWDSYTTNKVHAIPLRSSWVMTCAYAPSGNYVACGGLDNICSIYNLKTREGNVRVSRELAGHTGYLSCCRFLDDN
QIVTSSGDTTCALWDIETGQQTTTFTGHTGDVMSLSLAPDTRLFVSGACDASAKLWDVREGMCRQTFTGHESDINAICFF
PNGNAFATGSDDATCRLFDLRADQELMTYSHDNIICGITSVSFSKSGRLLLAGYDDFNCNVWDALKADRAGVLAGHDNRV
SCLGVTDDGMAVATGSWDSFLKIWN
;
B
5 'polypeptide(L)' MASNNTASIAQARKLVEQLKMEANIDRIKVSKAAADLMAYCEAHAKEDPLLTPVPASENPFREKKFFCAIL G
6 'polypeptide(L)'
;MAQVQLQESGGGLVQPGGSLRLSCAASGFTFSNYKMNWVRQAPGKGLEWVSDISQSGASISYTGSVKGRFTISRDNAKNT
LYLQMNSLKPEDTAVYYCARCPAPFTRDCFDVTSTTYAYRGQGTQVTVSSHHHHHHEPEA
;
N
#
# COMPACT_ATOMS: atom_id res chain seq x y z
N GLN A 105 16.49 -64.74 14.77
CA GLN A 105 15.38 -63.81 14.64
C GLN A 105 15.78 -62.43 15.19
N ARG A 106 14.98 -61.43 14.88
CA ARG A 106 15.24 -60.08 15.36
C ARG A 106 14.86 -59.96 16.83
N LYS A 107 15.73 -59.28 17.59
CA LYS A 107 15.47 -59.10 19.02
C LYS A 107 14.36 -58.09 19.26
N TYR A 108 14.40 -56.98 18.53
CA TYR A 108 13.43 -55.89 18.69
C TYR A 108 12.25 -56.14 17.75
N ASP A 109 11.10 -56.46 18.34
CA ASP A 109 9.88 -56.74 17.60
C ASP A 109 8.72 -55.81 17.92
N LEU A 110 8.63 -55.31 19.15
CA LEU A 110 7.57 -54.35 19.51
C LEU A 110 7.92 -52.93 19.09
N HIS A 111 9.19 -52.66 18.84
CA HIS A 111 9.63 -51.33 18.44
C HIS A 111 9.08 -50.95 17.07
N TYR A 112 8.99 -51.93 16.15
CA TYR A 112 8.37 -51.67 14.86
C TYR A 112 6.88 -51.42 14.97
N ARG A 113 6.21 -52.10 15.91
CA ARG A 113 4.77 -51.90 16.10
C ARG A 113 4.48 -50.51 16.68
N ILE A 114 5.26 -50.11 17.68
CA ILE A 114 5.07 -48.78 18.26
C ILE A 114 5.49 -47.69 17.27
N ALA A 115 6.50 -47.95 16.43
CA ALA A 115 6.87 -47.00 15.38
C ALA A 115 5.78 -46.90 14.32
N LEU A 116 5.09 -48.01 14.04
CA LEU A 116 3.95 -47.97 13.13
C LEU A 116 2.80 -47.16 13.71
N VAL A 117 2.58 -47.27 15.02
CA VAL A 117 1.56 -46.46 15.69
C VAL A 117 1.92 -44.97 15.64
N VAL A 118 3.21 -44.66 15.82
CA VAL A 118 3.69 -43.28 15.75
C VAL A 118 3.55 -42.72 14.34
N ASN A 119 3.87 -43.53 13.33
CA ASN A 119 3.71 -43.10 11.94
C ASN A 119 2.25 -42.90 11.56
N TYR A 120 1.36 -43.79 12.05
CA TYR A 120 -0.08 -43.61 11.80
C TYR A 120 -0.60 -42.33 12.43
N LEU A 121 -0.20 -42.06 13.68
CA LEU A 121 -0.63 -40.84 14.36
C LEU A 121 -0.07 -39.59 13.68
N GLY A 122 1.19 -39.65 13.25
CA GLY A 122 1.80 -38.50 12.60
C GLY A 122 1.20 -38.20 11.24
N HIS A 123 0.92 -39.24 10.45
CA HIS A 123 0.27 -39.02 9.16
C HIS A 123 -1.18 -38.59 9.31
N CYS A 124 -1.89 -39.05 10.35
CA CYS A 124 -3.26 -38.58 10.57
C CYS A 124 -3.30 -37.11 10.99
N VAL A 125 -2.39 -36.70 11.88
CA VAL A 125 -2.32 -35.29 12.28
C VAL A 125 -1.85 -34.43 11.09
N SER A 126 -0.96 -34.98 10.26
CA SER A 126 -0.49 -34.25 9.09
C SER A 126 -1.60 -34.05 8.07
N VAL A 127 -2.44 -35.07 7.84
CA VAL A 127 -3.59 -34.91 6.94
C VAL A 127 -4.58 -33.90 7.53
N ALA A 128 -4.85 -33.99 8.83
CA ALA A 128 -5.81 -33.09 9.47
C ALA A 128 -5.34 -31.64 9.47
N ALA A 129 -4.03 -31.40 9.41
CA ALA A 129 -3.54 -30.03 9.27
C ALA A 129 -3.45 -29.58 7.81
N LEU A 130 -3.04 -30.47 6.91
CA LEU A 130 -2.82 -30.08 5.52
C LEU A 130 -4.12 -29.90 4.75
N VAL A 131 -5.21 -30.57 5.17
CA VAL A 131 -6.50 -30.31 4.55
C VAL A 131 -6.98 -28.89 4.90
N ALA A 132 -6.80 -28.47 6.15
CA ALA A 132 -7.16 -27.12 6.55
C ALA A 132 -6.27 -26.08 5.88
N ALA A 133 -4.99 -26.39 5.70
CA ALA A 133 -4.10 -25.47 4.98
C ALA A 133 -4.47 -25.38 3.50
N PHE A 134 -4.89 -26.50 2.92
CA PHE A 134 -5.37 -26.55 1.54
C PHE A 134 -6.62 -25.68 1.36
N LEU A 135 -7.55 -25.77 2.31
CA LEU A 135 -8.76 -24.95 2.25
C LEU A 135 -8.46 -23.47 2.48
N LEU A 136 -7.56 -23.16 3.40
CA LEU A 136 -7.21 -21.76 3.67
C LEU A 136 -6.37 -21.14 2.55
N PHE A 137 -5.66 -21.96 1.76
CA PHE A 137 -4.98 -21.41 0.59
C PHE A 137 -5.86 -21.35 -0.65
N LEU A 138 -6.91 -22.16 -0.74
CA LEU A 138 -7.83 -21.99 -1.86
C LEU A 138 -8.85 -20.89 -1.61
N ALA A 139 -9.23 -20.65 -0.35
CA ALA A 139 -10.25 -19.65 -0.07
C ALA A 139 -9.72 -18.23 -0.16
N LEU A 140 -8.50 -18.00 0.30
CA LEU A 140 -7.94 -16.64 0.37
C LEU A 140 -7.37 -16.25 -0.99
N ARG A 141 -8.05 -15.32 -1.68
CA ARG A 141 -7.64 -14.83 -2.98
C ARG A 141 -6.79 -13.56 -2.87
N SER A 142 -6.64 -13.00 -1.67
CA SER A 142 -5.82 -11.81 -1.50
C SER A 142 -4.34 -12.13 -1.66
N ILE A 143 -3.90 -13.26 -1.10
CA ILE A 143 -2.51 -13.69 -1.19
C ILE A 143 -2.40 -14.76 -2.29
N ARG A 144 -2.13 -14.29 -3.50
CA ARG A 144 -1.97 -15.18 -4.66
C ARG A 144 -0.65 -14.92 -5.35
N CYS A 145 0.40 -14.67 -4.58
CA CYS A 145 1.73 -14.47 -5.16
C CYS A 145 2.34 -15.84 -5.49
N LEU A 146 3.59 -15.82 -5.99
CA LEU A 146 4.24 -17.06 -6.37
C LEU A 146 4.61 -17.91 -5.16
N ARG A 147 4.88 -17.26 -4.03
CA ARG A 147 5.25 -17.97 -2.79
C ARG A 147 4.10 -18.86 -2.31
N ASN A 148 2.88 -18.32 -2.27
CA ASN A 148 1.74 -19.09 -1.82
C ASN A 148 1.38 -20.20 -2.82
N VAL A 149 1.66 -19.98 -4.10
CA VAL A 149 1.43 -21.02 -5.11
C VAL A 149 2.38 -22.20 -4.91
N ILE A 150 3.67 -21.91 -4.67
CA ILE A 150 4.63 -22.98 -4.45
C ILE A 150 4.37 -23.71 -3.12
N HIS A 151 3.97 -22.96 -2.08
CA HIS A 151 3.60 -23.62 -0.83
C HIS A 151 2.34 -24.47 -0.98
N TRP A 152 1.37 -24.00 -1.76
CA TRP A 152 0.16 -24.78 -2.01
C TRP A 152 0.46 -26.05 -2.79
N ASN A 153 1.41 -25.96 -3.72
CA ASN A 153 1.82 -27.15 -4.47
C ASN A 153 2.55 -28.14 -3.57
N LEU A 154 3.39 -27.66 -2.64
CA LEU A 154 4.04 -28.57 -1.69
C LEU A 154 3.01 -29.24 -0.79
N ILE A 155 1.99 -28.49 -0.36
CA ILE A 155 0.91 -29.05 0.46
C ILE A 155 0.15 -30.12 -0.31
N THR A 156 -0.09 -29.89 -1.61
CA THR A 156 -0.80 -30.87 -2.43
C THR A 156 0.04 -32.14 -2.63
N THR A 157 1.37 -31.99 -2.77
CA THR A 157 2.22 -33.17 -2.88
C THR A 157 2.26 -33.97 -1.58
N PHE A 158 2.30 -33.28 -0.43
CA PHE A 158 2.24 -33.98 0.85
C PHE A 158 0.90 -34.69 1.06
N ILE A 159 -0.21 -34.07 0.63
CA ILE A 159 -1.52 -34.70 0.77
C ILE A 159 -1.62 -35.95 -0.11
N LEU A 160 -1.15 -35.86 -1.35
CA LEU A 160 -1.17 -37.03 -2.23
C LEU A 160 -0.22 -38.13 -1.74
N ARG A 161 0.92 -37.76 -1.15
CA ARG A 161 1.84 -38.73 -0.58
C ARG A 161 1.22 -39.45 0.62
N ASN A 162 0.51 -38.71 1.48
CA ASN A 162 -0.11 -39.34 2.64
C ASN A 162 -1.29 -40.23 2.24
N VAL A 163 -2.04 -39.83 1.21
CA VAL A 163 -3.15 -40.65 0.73
C VAL A 163 -2.63 -41.94 0.11
N MET A 164 -1.55 -41.86 -0.70
CA MET A 164 -0.98 -43.08 -1.26
C MET A 164 -0.29 -43.93 -0.20
N TRP A 165 0.21 -43.32 0.88
CA TRP A 165 0.77 -44.12 1.97
C TRP A 165 -0.33 -44.89 2.70
N PHE A 166 -1.48 -44.24 2.94
CA PHE A 166 -2.62 -44.93 3.54
C PHE A 166 -3.17 -46.02 2.63
N LEU A 167 -3.12 -45.82 1.31
CA LEU A 167 -3.52 -46.89 0.41
C LEU A 167 -2.50 -48.02 0.36
N LEU A 168 -1.22 -47.70 0.58
CA LEU A 168 -0.17 -48.72 0.55
C LEU A 168 -0.08 -49.51 1.85
N GLN A 169 -0.63 -48.97 2.96
CA GLN A 169 -0.58 -49.69 4.23
C GLN A 169 -1.41 -50.96 4.24
N LEU A 170 -2.40 -51.08 3.37
CA LEU A 170 -3.26 -52.26 3.41
C LEU A 170 -2.64 -53.66 3.21
N VAL A 171 -1.62 -53.79 2.36
CA VAL A 171 -1.05 -55.11 2.01
C VAL A 171 -0.51 -56.06 3.11
N ASP A 172 -0.75 -57.35 2.87
CA ASP A 172 -0.31 -58.47 3.68
C ASP A 172 0.75 -59.26 2.93
N HIS A 173 1.20 -60.36 3.54
CA HIS A 173 2.28 -61.15 2.95
C HIS A 173 1.82 -61.98 1.75
N GLU A 174 0.51 -62.22 1.61
CA GLU A 174 0.03 -62.98 0.47
C GLU A 174 0.11 -62.17 -0.83
N VAL A 175 -0.06 -60.85 -0.73
CA VAL A 175 0.16 -59.98 -1.88
C VAL A 175 1.65 -59.72 -2.08
N HIS A 176 2.45 -59.84 -1.03
CA HIS A 176 3.90 -59.66 -1.15
C HIS A 176 4.54 -60.85 -1.85
N GLU A 177 4.04 -62.06 -1.59
CA GLU A 177 4.55 -63.25 -2.26
C GLU A 177 4.00 -63.36 -3.68
N SER A 178 2.68 -63.40 -3.82
CA SER A 178 2.04 -63.49 -5.13
C SER A 178 2.00 -62.10 -5.75
N ASN A 179 2.82 -61.89 -6.79
CA ASN A 179 2.98 -60.59 -7.40
C ASN A 179 1.73 -60.20 -8.19
N GLU A 180 1.12 -59.07 -7.83
CA GLU A 180 -0.11 -58.60 -8.45
C GLU A 180 0.12 -57.25 -9.11
N VAL A 181 -0.91 -56.80 -9.84
CA VAL A 181 -0.80 -55.59 -10.64
C VAL A 181 -1.04 -54.35 -9.78
N TRP A 182 -2.09 -54.38 -8.95
CA TRP A 182 -2.48 -53.18 -8.20
C TRP A 182 -1.48 -52.83 -7.10
N CYS A 183 -0.78 -53.84 -6.57
CA CYS A 183 0.22 -53.59 -5.54
C CYS A 183 1.42 -52.82 -6.10
N ARG A 184 1.98 -53.29 -7.22
CA ARG A 184 3.07 -52.57 -7.85
C ARG A 184 2.61 -51.23 -8.42
N CYS A 185 1.34 -51.12 -8.83
CA CYS A 185 0.82 -49.83 -9.28
C CYS A 185 0.75 -48.81 -8.14
N ILE A 186 0.31 -49.25 -6.95
CA ILE A 186 0.27 -48.37 -5.78
C ILE A 186 1.67 -47.94 -5.37
N THR A 187 2.64 -48.88 -5.39
CA THR A 187 4.02 -48.50 -5.07
C THR A 187 4.62 -47.56 -6.10
N THR A 188 4.24 -47.71 -7.38
CA THR A 188 4.75 -46.81 -8.42
C THR A 188 4.19 -45.41 -8.28
N ILE A 189 2.89 -45.29 -8.00
CA ILE A 189 2.29 -43.96 -7.81
C ILE A 189 2.81 -43.31 -6.53
N PHE A 190 3.05 -44.11 -5.49
CA PHE A 190 3.63 -43.58 -4.26
C PHE A 190 5.05 -43.08 -4.46
N ASN A 191 5.86 -43.81 -5.24
CA ASN A 191 7.21 -43.35 -5.55
C ASN A 191 7.19 -42.10 -6.41
N TYR A 192 6.23 -41.99 -7.33
CA TYR A 192 6.08 -40.79 -8.13
C TYR A 192 5.73 -39.58 -7.27
N PHE A 193 4.86 -39.76 -6.28
CA PHE A 193 4.52 -38.63 -5.40
C PHE A 193 5.65 -38.29 -4.44
N VAL A 194 6.47 -39.28 -4.05
CA VAL A 194 7.65 -38.98 -3.23
C VAL A 194 8.66 -38.16 -4.02
N VAL A 195 8.93 -38.56 -5.26
CA VAL A 195 9.88 -37.82 -6.11
C VAL A 195 9.34 -36.43 -6.44
N THR A 196 8.02 -36.29 -6.61
CA THR A 196 7.42 -34.98 -6.84
C THR A 196 7.53 -34.10 -5.59
N ASN A 197 7.40 -34.70 -4.40
CA ASN A 197 7.55 -33.95 -3.16
C ASN A 197 8.97 -33.43 -2.99
N PHE A 198 9.97 -34.26 -3.31
CA PHE A 198 11.35 -33.80 -3.22
C PHE A 198 11.67 -32.74 -4.28
N PHE A 199 11.08 -32.86 -5.47
CA PHE A 199 11.29 -31.83 -6.49
C PHE A 199 10.62 -30.51 -6.11
N TRP A 200 9.48 -30.55 -5.43
CA TRP A 200 8.91 -29.29 -4.96
C TRP A 200 9.65 -28.71 -3.77
N MET A 201 10.29 -29.55 -2.95
CA MET A 201 11.25 -29.04 -1.97
C MET A 201 12.42 -28.34 -2.66
N PHE A 202 12.88 -28.90 -3.79
CA PHE A 202 13.93 -28.26 -4.58
C PHE A 202 13.47 -26.93 -5.17
N VAL A 203 12.20 -26.87 -5.61
CA VAL A 203 11.65 -25.63 -6.17
C VAL A 203 11.56 -24.55 -5.09
N GLU A 204 11.15 -24.94 -3.87
CA GLU A 204 11.12 -24.01 -2.75
C GLU A 204 12.51 -23.50 -2.38
N GLY A 205 13.49 -24.41 -2.34
CA GLY A 205 14.85 -23.99 -2.02
C GLY A 205 15.46 -23.11 -3.08
N CYS A 206 15.19 -23.40 -4.35
CA CYS A 206 15.72 -22.60 -5.45
C CYS A 206 15.07 -21.22 -5.49
N TYR A 207 13.76 -21.14 -5.24
CA TYR A 207 13.09 -19.84 -5.23
C TYR A 207 13.51 -18.99 -4.04
N LEU A 208 13.67 -19.62 -2.86
CA LEU A 208 14.11 -18.87 -1.70
C LEU A 208 15.56 -18.40 -1.85
N HIS A 209 16.41 -19.24 -2.45
CA HIS A 209 17.81 -18.86 -2.67
C HIS A 209 17.93 -17.76 -3.73
N THR A 210 17.12 -17.82 -4.78
CA THR A 210 17.13 -16.78 -5.79
C THR A 210 16.41 -15.51 -5.33
N ALA A 211 15.59 -15.61 -4.28
CA ALA A 211 14.99 -14.40 -3.71
C ALA A 211 15.92 -13.72 -2.71
N ILE A 212 16.74 -14.48 -2.00
CA ILE A 212 17.62 -13.89 -1.00
C ILE A 212 18.98 -13.55 -1.58
N VAL A 213 19.65 -14.51 -2.22
CA VAL A 213 21.05 -14.33 -2.60
C VAL A 213 21.16 -13.49 -3.87
N MET A 214 20.64 -13.99 -4.98
CA MET A 214 20.71 -13.31 -6.27
C MET A 214 19.40 -12.57 -6.53
N THR A 215 19.22 -11.47 -5.79
CA THR A 215 17.92 -10.82 -5.68
C THR A 215 17.52 -10.03 -6.93
N TYR A 216 18.40 -9.89 -7.91
CA TYR A 216 18.05 -9.22 -9.16
C TYR A 216 17.71 -10.19 -10.27
N SER A 217 17.46 -11.46 -9.94
CA SER A 217 17.04 -12.47 -10.92
C SER A 217 15.74 -13.14 -10.51
N THR A 218 14.92 -12.47 -9.69
CA THR A 218 13.64 -13.03 -9.26
C THR A 218 12.59 -12.97 -10.37
N GLU A 219 12.75 -12.08 -11.34
CA GLU A 219 11.77 -11.95 -12.41
C GLU A 219 12.04 -12.90 -13.57
N ARG A 220 13.17 -13.58 -13.60
CA ARG A 220 13.40 -14.61 -14.61
C ARG A 220 12.65 -15.90 -14.29
N LEU A 221 12.17 -16.05 -13.05
CA LEU A 221 11.46 -17.24 -12.63
C LEU A 221 9.98 -17.07 -12.93
N ARG A 222 9.42 -17.98 -13.73
CA ARG A 222 8.00 -17.98 -14.07
C ARG A 222 7.29 -19.10 -13.35
N LYS A 223 5.95 -19.06 -13.41
CA LYS A 223 5.16 -20.14 -12.83
C LYS A 223 5.24 -21.40 -13.67
N CYS A 224 5.35 -21.25 -15.00
CA CYS A 224 5.37 -22.41 -15.88
C CYS A 224 6.64 -23.22 -15.73
N LEU A 225 7.77 -22.55 -15.49
CA LEU A 225 9.03 -23.26 -15.28
C LEU A 225 9.02 -24.03 -13.96
N PHE A 226 8.43 -23.44 -12.91
CA PHE A 226 8.35 -24.14 -11.63
C PHE A 226 7.39 -25.32 -11.69
N LEU A 227 6.27 -25.18 -12.42
CA LEU A 227 5.37 -26.32 -12.58
C LEU A 227 5.99 -27.40 -13.46
N PHE A 228 6.81 -27.01 -14.44
CA PHE A 228 7.51 -27.98 -15.28
C PHE A 228 8.57 -28.74 -14.49
N ILE A 229 9.26 -28.06 -13.58
CA ILE A 229 10.27 -28.73 -12.76
C ILE A 229 9.60 -29.63 -11.72
N GLY A 230 8.54 -29.14 -11.09
CA GLY A 230 7.87 -29.90 -10.06
C GLY A 230 7.11 -31.12 -10.56
N TRP A 231 6.19 -30.92 -11.50
CA TRP A 231 5.30 -32.00 -11.92
C TRP A 231 5.74 -32.70 -13.20
N CYS A 232 6.26 -31.95 -14.19
CA CYS A 232 6.44 -32.51 -15.52
C CYS A 232 7.80 -33.18 -15.73
N ILE A 233 8.85 -32.74 -15.03
CA ILE A 233 10.16 -33.37 -15.17
C ILE A 233 10.19 -34.78 -14.57
N PRO A 234 9.64 -35.10 -13.36
CA PRO A 234 9.70 -36.51 -12.95
C PRO A 234 8.60 -37.41 -13.52
N PHE A 235 8.27 -37.26 -14.81
CA PHE A 235 7.51 -38.30 -15.50
C PHE A 235 8.39 -39.43 -16.05
N PRO A 236 9.50 -39.19 -16.78
CA PRO A 236 10.29 -40.36 -17.24
C PRO A 236 11.11 -41.02 -16.16
N ILE A 237 11.48 -40.28 -15.10
CA ILE A 237 12.35 -40.81 -14.04
C ILE A 237 11.67 -41.95 -13.31
N ILE A 238 10.35 -41.89 -13.18
CA ILE A 238 9.61 -43.04 -12.68
C ILE A 238 9.47 -44.11 -13.76
N VAL A 239 9.19 -43.70 -15.00
CA VAL A 239 8.91 -44.64 -16.08
C VAL A 239 10.17 -45.43 -16.45
N ALA A 240 11.30 -44.74 -16.59
CA ALA A 240 12.58 -45.43 -16.76
C ALA A 240 12.97 -46.23 -15.51
N TRP A 241 12.40 -45.91 -14.35
CA TRP A 241 12.50 -46.81 -13.22
C TRP A 241 11.67 -48.08 -13.48
N ALA A 242 10.42 -47.90 -13.89
CA ALA A 242 9.48 -49.02 -13.99
C ALA A 242 9.87 -49.98 -15.11
N ILE A 243 10.23 -49.45 -16.27
CA ILE A 243 10.78 -50.27 -17.35
C ILE A 243 12.13 -50.83 -16.91
N GLY A 244 12.87 -50.10 -16.07
CA GLY A 244 14.06 -50.67 -15.47
C GLY A 244 13.75 -51.71 -14.41
N LYS A 245 12.55 -51.69 -13.84
CA LYS A 245 12.17 -52.64 -12.81
C LYS A 245 11.44 -53.86 -13.39
N LEU A 246 10.73 -53.68 -14.51
CA LEU A 246 9.93 -54.77 -15.07
C LEU A 246 10.81 -55.85 -15.72
N TYR A 247 11.92 -55.46 -16.32
CA TYR A 247 12.76 -56.43 -17.02
C TYR A 247 13.72 -57.18 -16.11
N TYR A 248 14.04 -56.64 -14.94
CA TYR A 248 15.08 -57.21 -14.09
C TYR A 248 14.53 -57.77 -12.78
N GLU A 249 13.82 -56.97 -12.00
CA GLU A 249 13.31 -57.39 -10.68
C GLU A 249 11.80 -57.21 -10.66
N ASN A 250 11.08 -58.22 -11.13
CA ASN A 250 9.63 -58.18 -11.25
C ASN A 250 8.97 -58.94 -10.10
N GLU A 251 9.55 -58.85 -8.90
CA GLU A 251 9.04 -59.58 -7.75
C GLU A 251 8.83 -58.64 -6.58
N GLN A 252 7.96 -59.08 -5.66
CA GLN A 252 7.71 -58.45 -4.35
C GLN A 252 7.19 -57.02 -4.49
N CYS A 253 6.25 -56.83 -5.42
CA CYS A 253 5.53 -55.56 -5.65
C CYS A 253 6.47 -54.40 -5.99
N TRP A 254 7.59 -54.72 -6.65
CA TRP A 254 8.58 -53.76 -7.15
C TRP A 254 9.21 -52.89 -6.06
N PHE A 255 9.24 -53.35 -4.81
CA PHE A 255 9.93 -52.59 -3.76
C PHE A 255 10.75 -53.46 -2.81
N GLY A 256 10.84 -54.76 -3.05
CA GLY A 256 11.58 -55.63 -2.15
C GLY A 256 13.07 -55.45 -2.32
N LYS A 257 13.75 -55.03 -1.25
CA LYS A 257 15.20 -54.82 -1.29
C LYS A 257 15.90 -56.17 -1.28
N GLU A 258 16.69 -56.43 -2.32
CA GLU A 258 17.43 -57.67 -2.44
C GLU A 258 18.93 -57.39 -2.47
N PRO A 259 19.75 -58.31 -1.95
CA PRO A 259 21.21 -58.13 -2.03
C PRO A 259 21.70 -58.30 -3.46
N GLY A 260 22.39 -57.28 -3.97
CA GLY A 260 22.81 -57.27 -5.35
C GLY A 260 21.83 -56.61 -6.28
N ASP A 261 21.02 -55.68 -5.79
CA ASP A 261 20.01 -54.99 -6.59
C ASP A 261 20.28 -53.50 -6.53
N LEU A 262 20.24 -52.84 -7.69
CA LEU A 262 20.56 -51.42 -7.77
C LEU A 262 19.60 -50.65 -8.67
N VAL A 263 18.41 -51.19 -8.92
CA VAL A 263 17.43 -50.49 -9.75
C VAL A 263 16.74 -49.36 -8.98
N ASP A 264 16.75 -49.42 -7.65
CA ASP A 264 16.10 -48.39 -6.83
C ASP A 264 16.87 -47.08 -6.80
N TYR A 265 18.11 -47.05 -7.29
CA TYR A 265 18.91 -45.83 -7.31
C TYR A 265 18.60 -44.92 -8.50
N ILE A 266 17.59 -45.26 -9.30
CA ILE A 266 17.20 -44.39 -10.40
C ILE A 266 16.49 -43.15 -9.87
N TYR A 267 15.56 -43.34 -8.94
CA TYR A 267 14.77 -42.23 -8.41
C TYR A 267 15.30 -41.68 -7.09
N GLN A 268 16.32 -42.30 -6.50
CA GLN A 268 16.87 -41.84 -5.23
C GLN A 268 18.11 -40.96 -5.40
N GLY A 269 18.86 -41.14 -6.50
CA GLY A 269 19.96 -40.28 -6.85
C GLY A 269 19.61 -38.81 -7.00
N PRO A 270 18.59 -38.49 -7.81
CA PRO A 270 18.07 -37.10 -7.81
C PRO A 270 17.58 -36.62 -6.45
N ILE A 271 17.05 -37.50 -5.60
CA ILE A 271 16.63 -37.08 -4.26
C ILE A 271 17.83 -36.68 -3.42
N ILE A 272 18.91 -37.46 -3.49
CA ILE A 272 20.13 -37.13 -2.74
C ILE A 272 20.76 -35.84 -3.26
N LEU A 273 20.71 -35.65 -4.60
CA LEU A 273 21.23 -34.42 -5.18
C LEU A 273 20.41 -33.20 -4.77
N VAL A 274 19.07 -33.37 -4.70
CA VAL A 274 18.19 -32.30 -4.24
C VAL A 274 18.46 -31.95 -2.78
N LEU A 275 18.72 -32.97 -1.94
CA LEU A 275 19.01 -32.70 -0.53
C LEU A 275 20.35 -31.99 -0.35
N LEU A 276 21.35 -32.35 -1.15
CA LEU A 276 22.65 -31.67 -1.07
C LEU A 276 22.55 -30.22 -1.55
N ILE A 277 21.82 -29.98 -2.64
CA ILE A 277 21.63 -28.62 -3.14
C ILE A 277 20.83 -27.77 -2.17
N ASN A 278 19.83 -28.38 -1.51
CA ASN A 278 19.08 -27.65 -0.49
C ASN A 278 19.90 -27.39 0.75
N PHE A 279 20.86 -28.26 1.08
CA PHE A 279 21.76 -27.98 2.20
C PHE A 279 22.68 -26.81 1.90
N VAL A 280 23.20 -26.74 0.66
CA VAL A 280 24.04 -25.61 0.26
C VAL A 280 23.22 -24.32 0.25
N PHE A 281 21.96 -24.39 -0.22
CA PHE A 281 21.09 -23.23 -0.21
C PHE A 281 20.77 -22.77 1.21
N LEU A 282 20.55 -23.71 2.13
CA LEU A 282 20.28 -23.37 3.52
C LEU A 282 21.48 -22.73 4.19
N PHE A 283 22.69 -23.20 3.85
CA PHE A 283 23.91 -22.59 4.39
C PHE A 283 24.06 -21.15 3.90
N ASN A 284 23.80 -20.91 2.61
CA ASN A 284 23.90 -19.54 2.08
C ASN A 284 22.84 -18.63 2.68
N ILE A 285 21.61 -19.15 2.89
CA ILE A 285 20.53 -18.35 3.47
C ILE A 285 20.83 -18.00 4.92
N VAL A 286 21.35 -18.95 5.70
CA VAL A 286 21.69 -18.67 7.10
C VAL A 286 22.86 -17.69 7.18
N ARG A 287 23.83 -17.79 6.26
CA ARG A 287 24.96 -16.86 6.26
C ARG A 287 24.51 -15.44 5.93
N ILE A 288 23.69 -15.27 4.90
CA ILE A 288 23.24 -13.92 4.54
C ILE A 288 22.26 -13.37 5.58
N LEU A 289 21.48 -14.24 6.23
CA LEU A 289 20.60 -13.78 7.30
C LEU A 289 21.39 -13.32 8.52
N MET A 290 22.50 -14.00 8.82
CA MET A 290 23.39 -13.53 9.88
C MET A 290 24.05 -12.20 9.51
N THR A 291 24.40 -12.04 8.22
CA THR A 291 24.98 -10.78 7.76
C THR A 291 23.98 -9.63 7.87
N LYS A 292 22.70 -9.90 7.59
CA LYS A 292 21.69 -8.86 7.73
C LYS A 292 21.34 -8.59 9.20
N LEU A 293 21.42 -9.60 10.06
CA LEU A 293 21.10 -9.41 11.48
C LEU A 293 22.25 -8.80 12.27
N ARG A 294 23.48 -8.83 11.77
CA ARG A 294 24.56 -8.15 12.47
C ARG A 294 24.41 -6.64 12.46
N ALA A 295 23.71 -6.08 11.47
CA ALA A 295 23.53 -4.64 11.37
C ALA A 295 22.14 -4.15 11.75
N SER A 296 21.19 -5.06 12.02
CA SER A 296 19.83 -4.66 12.35
C SER A 296 19.59 -4.60 13.86
N THR A 297 19.70 -5.73 14.54
CA THR A 297 19.40 -5.81 15.96
C THR A 297 20.61 -5.34 16.77
N THR A 298 20.34 -4.50 17.79
CA THR A 298 21.41 -4.02 18.65
C THR A 298 21.93 -5.13 19.56
N SER A 299 21.04 -5.96 20.09
CA SER A 299 21.40 -7.02 21.02
C SER A 299 21.83 -8.27 20.27
N GLU A 300 22.97 -8.84 20.66
CA GLU A 300 23.48 -10.03 19.98
C GLU A 300 22.71 -11.29 20.36
N THR A 301 22.17 -11.34 21.58
CA THR A 301 21.47 -12.55 22.05
C THR A 301 20.16 -12.75 21.30
N ILE A 302 19.44 -11.66 21.03
CA ILE A 302 18.22 -11.73 20.24
C ILE A 302 18.55 -12.12 18.80
N GLN A 303 19.71 -11.68 18.30
CA GLN A 303 20.17 -12.07 16.97
C GLN A 303 20.44 -13.57 16.88
N TYR A 304 21.15 -14.13 17.86
CA TYR A 304 21.41 -15.57 17.86
C TYR A 304 20.13 -16.37 18.06
N ARG A 305 19.19 -15.85 18.87
CA ARG A 305 17.91 -16.53 19.06
C ARG A 305 17.09 -16.56 17.79
N LYS A 306 17.06 -15.45 17.05
CA LYS A 306 16.32 -15.40 15.79
C LYS A 306 16.99 -16.27 14.72
N ALA A 307 18.33 -16.34 14.73
CA ALA A 307 19.04 -17.19 13.78
C ALA A 307 18.78 -18.68 14.06
N VAL A 308 18.80 -19.07 15.33
CA VAL A 308 18.51 -20.46 15.71
C VAL A 308 17.07 -20.81 15.36
N LYS A 309 16.13 -19.87 15.62
CA LYS A 309 14.72 -20.10 15.28
C LYS A 309 14.54 -20.25 13.78
N ALA A 310 15.20 -19.41 12.99
CA ALA A 310 15.03 -19.45 11.54
C ALA A 310 15.66 -20.70 10.95
N THR A 311 16.80 -21.15 11.50
CA THR A 311 17.41 -22.39 11.03
C THR A 311 16.55 -23.60 11.38
N LEU A 312 16.07 -23.68 12.63
CA LEU A 312 15.25 -24.81 13.05
C LEU A 312 13.86 -24.82 12.40
N VAL A 313 13.40 -23.69 11.88
CA VAL A 313 12.12 -23.66 11.18
C VAL A 313 12.29 -23.79 9.66
N LEU A 314 13.48 -23.53 9.12
CA LEU A 314 13.73 -23.84 7.72
C LEU A 314 14.25 -25.26 7.52
N LEU A 315 14.61 -25.98 8.59
CA LEU A 315 14.90 -27.41 8.46
C LEU A 315 13.73 -28.25 7.95
N PRO A 316 12.47 -28.13 8.43
CA PRO A 316 11.42 -29.00 7.86
C PRO A 316 10.95 -28.59 6.48
N LEU A 317 11.21 -27.35 6.04
CA LEU A 317 10.71 -26.93 4.73
C LEU A 317 11.57 -27.50 3.60
N LEU A 318 12.89 -27.40 3.72
CA LEU A 318 13.79 -27.79 2.66
C LEU A 318 14.12 -29.28 2.66
N GLY A 319 13.61 -30.03 3.63
CA GLY A 319 13.87 -31.45 3.69
C GLY A 319 15.23 -31.82 4.24
N ILE A 320 15.83 -30.95 5.06
CA ILE A 320 17.16 -31.21 5.60
C ILE A 320 17.09 -32.19 6.77
N THR A 321 15.89 -32.46 7.29
CA THR A 321 15.72 -33.38 8.41
C THR A 321 16.13 -34.81 8.05
N TYR A 322 15.91 -35.21 6.78
CA TYR A 322 16.38 -36.51 6.31
C TYR A 322 17.90 -36.60 6.31
N MET A 323 18.58 -35.46 6.19
CA MET A 323 20.04 -35.41 6.27
C MET A 323 20.54 -35.33 7.71
N LEU A 324 19.64 -35.25 8.70
CA LEU A 324 20.09 -35.13 10.08
C LEU A 324 20.61 -36.46 10.62
N PHE A 325 19.94 -37.56 10.33
CA PHE A 325 20.33 -38.87 10.83
C PHE A 325 20.29 -39.89 9.68
N PHE A 326 20.99 -39.52 8.59
CA PHE A 326 20.84 -40.17 7.29
C PHE A 326 21.32 -41.62 7.30
N VAL A 327 22.57 -41.86 7.71
CA VAL A 327 23.15 -43.20 7.71
C VAL A 327 23.36 -43.66 9.15
N ASN A 328 23.17 -44.97 9.37
CA ASN A 328 23.37 -45.66 10.65
C ASN A 328 23.52 -47.14 10.35
N PRO A 329 24.58 -47.80 10.84
CA PRO A 329 24.71 -49.24 10.58
C PRO A 329 23.75 -50.07 11.41
N GLY A 330 23.39 -51.23 10.87
CA GLY A 330 22.42 -52.11 11.49
C GLY A 330 23.02 -53.19 12.37
N GLU A 331 24.10 -52.86 13.07
CA GLU A 331 24.76 -53.79 13.97
C GLU A 331 24.50 -53.50 15.44
N ASP A 332 24.35 -52.22 15.82
CA ASP A 332 24.04 -51.88 17.19
C ASP A 332 22.54 -51.99 17.45
N ASP A 333 22.18 -52.35 18.68
CA ASP A 333 20.78 -52.42 19.06
C ASP A 333 20.24 -51.10 19.57
N LEU A 334 21.02 -50.38 20.37
CA LEU A 334 20.56 -49.11 20.95
C LEU A 334 20.57 -47.97 19.95
N SER A 335 21.25 -48.12 18.81
CA SER A 335 21.26 -47.08 17.79
C SER A 335 20.12 -47.23 16.79
N GLN A 336 19.71 -48.46 16.50
CA GLN A 336 18.68 -48.71 15.51
C GLN A 336 17.31 -48.25 15.99
N ILE A 337 17.05 -48.36 17.29
CA ILE A 337 15.80 -47.87 17.87
C ILE A 337 15.72 -46.35 17.75
N MET A 338 16.83 -45.65 18.02
CA MET A 338 16.85 -44.20 17.85
C MET A 338 16.74 -43.81 16.39
N PHE A 339 17.30 -44.62 15.49
CA PHE A 339 17.20 -44.41 14.06
C PHE A 339 15.74 -44.47 13.59
N ILE A 340 15.03 -45.54 13.96
CA ILE A 340 13.65 -45.73 13.50
C ILE A 340 12.71 -44.71 14.12
N TYR A 341 12.83 -44.45 15.43
CA TYR A 341 11.94 -43.49 16.07
C TYR A 341 12.22 -42.05 15.63
N PHE A 342 13.50 -41.70 15.46
CA PHE A 342 13.84 -40.33 15.09
C PHE A 342 13.45 -40.04 13.64
N ASN A 343 13.65 -41.00 12.73
CA ASN A 343 13.19 -40.81 11.36
C ASN A 343 11.68 -40.85 11.25
N SER A 344 10.99 -41.65 12.07
CA SER A 344 9.54 -41.66 12.05
C SER A 344 8.98 -40.33 12.55
N PHE A 345 9.62 -39.75 13.57
CA PHE A 345 9.18 -38.45 14.08
C PHE A 345 9.48 -37.33 13.10
N LEU A 346 10.58 -37.43 12.35
CA LEU A 346 10.88 -36.38 11.37
C LEU A 346 10.13 -36.54 10.06
N GLN A 347 9.69 -37.75 9.72
CA GLN A 347 8.98 -37.97 8.46
C GLN A 347 7.48 -37.80 8.62
N SER A 348 6.91 -38.34 9.71
CA SER A 348 5.45 -38.29 9.87
C SER A 348 4.95 -36.91 10.27
N PHE A 349 5.80 -36.09 10.89
CA PHE A 349 5.40 -34.77 11.35
C PHE A 349 6.02 -33.63 10.53
N GLN A 350 6.58 -33.93 9.36
CA GLN A 350 7.21 -32.88 8.56
C GLN A 350 6.16 -32.00 7.90
N GLY A 351 5.16 -32.61 7.27
CA GLY A 351 4.09 -31.85 6.65
C GLY A 351 3.26 -31.09 7.66
N PHE A 352 3.13 -31.62 8.88
CA PHE A 352 2.46 -30.90 9.95
C PHE A 352 3.22 -29.62 10.33
N PHE A 353 4.55 -29.71 10.45
CA PHE A 353 5.35 -28.55 10.81
C PHE A 353 5.33 -27.50 9.69
N VAL A 354 5.42 -27.94 8.43
CA VAL A 354 5.34 -27.03 7.29
C VAL A 354 3.99 -26.35 7.24
N SER A 355 2.91 -27.11 7.44
CA SER A 355 1.56 -26.55 7.41
C SER A 355 1.33 -25.56 8.54
N VAL A 356 1.80 -25.90 9.75
CA VAL A 356 1.61 -25.04 10.91
C VAL A 356 2.37 -23.72 10.75
N PHE A 357 3.65 -23.77 10.37
CA PHE A 357 4.40 -22.52 10.27
C PHE A 357 4.00 -21.69 9.07
N TYR A 358 3.67 -22.29 7.94
CA TYR A 358 3.43 -21.53 6.73
C TYR A 358 1.95 -21.30 6.44
N CYS A 359 1.06 -21.74 7.33
CA CYS A 359 -0.34 -21.36 7.25
C CYS A 359 -0.84 -20.72 8.54
N PHE A 360 -0.48 -21.28 9.69
CA PHE A 360 -1.15 -20.92 10.94
C PHE A 360 -0.43 -19.80 11.68
N PHE A 361 0.90 -19.77 11.65
CA PHE A 361 1.68 -18.75 12.34
C PHE A 361 2.02 -17.55 11.45
N ASN A 362 1.61 -17.56 10.19
CA ASN A 362 1.91 -16.45 9.31
C ASN A 362 0.96 -15.29 9.61
N GLY A 363 1.50 -14.06 9.55
CA GLY A 363 0.71 -12.90 9.88
C GLY A 363 -0.27 -12.50 8.81
N GLU A 364 0.12 -12.65 7.54
CA GLU A 364 -0.76 -12.27 6.44
C GLU A 364 -1.95 -13.21 6.32
N VAL A 365 -1.77 -14.49 6.66
CA VAL A 365 -2.88 -15.44 6.59
C VAL A 365 -3.87 -15.18 7.72
N ARG A 366 -3.37 -14.88 8.92
CA ARG A 366 -4.23 -14.53 10.04
C ARG A 366 -4.98 -13.22 9.78
N SER A 367 -4.30 -12.24 9.18
CA SER A 367 -4.95 -10.98 8.84
C SER A 367 -6.01 -11.18 7.77
N ALA A 368 -5.76 -12.06 6.80
CA ALA A 368 -6.75 -12.32 5.76
C ALA A 368 -7.95 -13.08 6.32
N VAL A 369 -7.73 -14.01 7.25
CA VAL A 369 -8.83 -14.74 7.88
C VAL A 369 -9.67 -13.79 8.74
N ARG A 370 -9.02 -12.88 9.47
CA ARG A 370 -9.78 -11.91 10.28
C ARG A 370 -10.53 -10.91 9.40
N LYS A 371 -9.97 -10.52 8.26
CA LYS A 371 -10.68 -9.61 7.35
C LYS A 371 -11.87 -10.31 6.70
N ARG A 372 -11.72 -11.58 6.32
CA ARG A 372 -12.86 -12.30 5.77
C ARG A 372 -13.93 -12.58 6.83
N TRP A 373 -13.52 -12.75 8.09
CA TRP A 373 -14.50 -12.90 9.16
C TRP A 373 -15.24 -11.59 9.42
N HIS A 374 -14.53 -10.46 9.30
CA HIS A 374 -15.19 -9.15 9.43
C HIS A 374 -16.14 -8.90 8.26
N ARG A 375 -15.78 -9.34 7.06
CA ARG A 375 -16.67 -9.22 5.92
C ARG A 375 -17.90 -10.11 6.05
N TRP A 376 -17.72 -11.31 6.62
CA TRP A 376 -18.87 -12.18 6.88
C TRP A 376 -19.77 -11.61 7.97
N GLN A 377 -19.18 -10.96 8.97
CA GLN A 377 -19.97 -10.32 10.02
C GLN A 377 -20.71 -9.09 9.48
N ASP A 378 -20.11 -8.35 8.55
CA ASP A 378 -20.80 -7.24 7.91
C ASP A 378 -21.91 -7.73 6.98
N HIS A 379 -21.72 -8.89 6.35
CA HIS A 379 -22.80 -9.49 5.57
C HIS A 379 -23.91 -10.02 6.46
N HIS A 380 -23.56 -10.44 7.68
CA HIS A 380 -24.56 -10.88 8.64
C HIS A 380 -25.18 -9.71 9.41
N SER A 381 -24.46 -8.59 9.51
CA SER A 381 -24.88 -7.36 10.20
C SER A 381 -25.23 -7.63 11.67
N LEU A 382 -24.36 -8.38 12.35
CA LEU A 382 -24.59 -8.66 13.77
C LEU A 382 -24.27 -7.44 14.62
N ARG A 383 -23.20 -6.73 14.30
CA ARG A 383 -22.76 -5.57 15.08
C ARG A 383 -23.27 -4.25 14.53
N VAL A 384 -23.96 -4.25 13.41
CA VAL A 384 -24.48 -3.05 12.77
C VAL A 384 -25.99 -3.08 12.86
N PRO A 385 -26.65 -2.02 13.40
CA PRO A 385 -28.12 -1.97 13.49
C PRO A 385 -28.80 -1.88 12.13
N ASP B 1 26.84 -54.74 2.72
CA ASP B 1 26.45 -53.80 1.68
C ASP B 1 24.96 -53.51 1.69
N ASN B 2 24.40 -53.32 2.89
CA ASN B 2 22.98 -53.06 3.03
C ASN B 2 22.74 -51.58 3.24
N PRO B 3 21.97 -50.90 2.38
CA PRO B 3 21.72 -49.47 2.60
C PRO B 3 20.40 -49.23 3.35
N SER B 4 20.45 -48.33 4.32
CA SER B 4 19.30 -48.00 5.15
C SER B 4 19.02 -46.51 5.09
N LEU B 5 18.81 -45.98 3.89
CA LEU B 5 18.57 -44.55 3.69
C LEU B 5 17.25 -44.13 4.33
N SER B 6 17.23 -42.89 4.83
CA SER B 6 16.03 -42.33 5.47
C SER B 6 14.88 -42.21 4.49
N ILE B 7 15.17 -41.90 3.23
CA ILE B 7 14.15 -41.80 2.20
C ILE B 7 13.48 -43.14 1.94
N ASP B 8 14.26 -44.23 1.99
CA ASP B 8 13.76 -45.58 1.75
C ASP B 8 13.34 -46.27 3.06
N LEU B 9 13.12 -45.51 4.13
CA LEU B 9 12.82 -46.13 5.42
C LEU B 9 11.39 -46.67 5.49
N THR B 10 10.43 -45.95 4.90
CA THR B 10 9.02 -46.33 5.00
C THR B 10 8.78 -47.72 4.40
N PHE B 11 9.35 -48.00 3.22
CA PHE B 11 9.28 -49.34 2.64
C PHE B 11 10.00 -50.33 3.53
N HIS B 12 11.14 -49.89 4.11
CA HIS B 12 11.90 -50.69 5.06
C HIS B 12 11.05 -51.02 6.27
N LEU B 13 10.21 -50.07 6.70
CA LEU B 13 9.31 -50.34 7.81
C LEU B 13 8.30 -51.40 7.44
N LEU B 14 7.79 -51.36 6.19
CA LEU B 14 6.76 -52.29 5.77
C LEU B 14 7.29 -53.72 5.62
N ARG B 15 8.40 -53.87 4.86
CA ARG B 15 8.97 -55.17 4.52
C ARG B 15 9.26 -56.04 5.74
N THR B 16 9.89 -55.45 6.75
CA THR B 16 10.23 -56.19 7.97
C THR B 16 8.98 -56.66 8.68
N LEU B 17 7.95 -55.81 8.72
CA LEU B 17 6.67 -56.19 9.33
C LEU B 17 6.06 -57.34 8.57
N LEU B 18 6.12 -57.28 7.23
CA LEU B 18 5.60 -58.36 6.41
C LEU B 18 6.36 -59.64 6.65
N GLU B 19 7.70 -59.51 6.83
CA GLU B 19 8.52 -60.67 7.15
C GLU B 19 8.11 -61.26 8.48
N LEU B 20 7.87 -60.38 9.48
CA LEU B 20 7.41 -60.84 10.78
C LEU B 20 6.04 -61.50 10.65
N ALA B 21 5.17 -60.90 9.82
CA ALA B 21 3.86 -61.47 9.59
C ALA B 21 3.97 -62.83 8.92
N ARG B 22 4.90 -62.94 7.97
CA ARG B 22 5.13 -64.21 7.28
C ARG B 22 5.63 -65.25 8.28
N THR B 23 6.53 -64.82 9.18
CA THR B 23 7.04 -65.71 10.21
C THR B 23 5.91 -66.15 11.13
N GLN B 24 5.04 -65.19 11.49
CA GLN B 24 3.90 -65.51 12.36
C GLN B 24 2.96 -66.47 11.65
N SER B 25 2.78 -66.29 10.34
CA SER B 25 1.94 -67.19 9.57
C SER B 25 2.52 -68.58 9.57
N GLN B 26 3.85 -68.68 9.39
CA GLN B 26 4.51 -69.97 9.43
C GLN B 26 4.41 -70.59 10.82
N ARG B 27 4.45 -69.74 11.86
CA ARG B 27 4.28 -70.23 13.22
C ARG B 27 2.88 -70.80 13.40
N GLU B 28 1.88 -70.11 12.85
CA GLU B 28 0.52 -70.64 12.87
C GLU B 28 0.44 -71.91 12.04
N ARG B 29 1.16 -71.93 10.91
CA ARG B 29 1.19 -73.13 10.08
C ARG B 29 1.94 -74.24 10.81
N ALA B 30 2.92 -73.87 11.65
CA ALA B 30 3.57 -74.86 12.50
C ALA B 30 2.58 -75.49 13.46
N GLU B 31 1.69 -74.66 14.02
CA GLU B 31 0.60 -75.18 14.85
C GLU B 31 -0.33 -76.06 14.01
N GLN B 32 -0.54 -75.68 12.75
CA GLN B 32 -1.34 -76.51 11.86
C GLN B 32 -0.64 -77.83 11.58
N ASN B 33 0.70 -77.83 11.56
CA ASN B 33 1.46 -79.06 11.43
C ASN B 33 1.21 -79.97 12.63
N ARG B 34 1.06 -79.36 13.82
CA ARG B 34 0.69 -80.12 15.01
C ARG B 34 -0.67 -80.76 14.83
N ILE B 35 -1.60 -80.04 14.19
CA ILE B 35 -2.91 -80.59 13.87
C ILE B 35 -2.77 -81.77 12.91
N ILE B 36 -1.79 -81.70 12.00
CA ILE B 36 -1.47 -82.83 11.13
C ILE B 36 -0.95 -83.99 11.96
N PHE B 37 -0.19 -83.68 13.02
CA PHE B 37 0.22 -84.71 13.97
C PHE B 37 -0.99 -85.27 14.73
N ASP B 38 -1.99 -84.43 14.98
CA ASP B 38 -3.25 -84.92 15.53
C ASP B 38 -4.02 -85.77 14.53
N SER B 39 -3.75 -85.61 13.24
CA SER B 39 -4.27 -86.52 12.24
C SER B 39 -3.42 -87.79 12.11
N VAL B 40 -2.23 -87.81 12.71
CA VAL B 40 -1.36 -88.97 12.64
C VAL B 40 -1.06 -89.48 14.04
N ASP C 11 -24.17 -12.22 -35.95
CA ASP C 11 -24.48 -10.86 -35.50
C ASP C 11 -23.88 -10.60 -34.12
N GLN C 12 -24.62 -10.98 -33.08
CA GLN C 12 -24.15 -10.78 -31.71
C GLN C 12 -23.06 -11.78 -31.34
N ARG C 13 -23.12 -13.00 -31.89
CA ARG C 13 -22.12 -14.01 -31.60
C ARG C 13 -20.77 -13.64 -32.22
N ASN C 14 -20.78 -13.13 -33.46
CA ASN C 14 -19.55 -12.66 -34.08
C ASN C 14 -19.00 -11.42 -33.40
N GLU C 15 -19.89 -10.57 -32.87
CA GLU C 15 -19.46 -9.40 -32.12
C GLU C 15 -18.80 -9.80 -30.81
N GLU C 16 -19.36 -10.80 -30.12
CA GLU C 16 -18.72 -11.31 -28.90
C GLU C 16 -17.42 -12.02 -29.20
N LYS C 17 -17.32 -12.69 -30.35
CA LYS C 17 -16.06 -13.31 -30.75
C LYS C 17 -14.98 -12.27 -31.04
N ALA C 18 -15.37 -11.17 -31.69
CA ALA C 18 -14.42 -10.08 -31.96
C ALA C 18 -13.99 -9.38 -30.67
N GLN C 19 -14.93 -9.22 -29.72
CA GLN C 19 -14.57 -8.64 -28.42
C GLN C 19 -13.65 -9.57 -27.63
N ARG C 20 -13.86 -10.88 -27.73
CA ARG C 20 -12.97 -11.82 -27.05
C ARG C 20 -11.57 -11.83 -27.68
N GLU C 21 -11.49 -11.72 -29.00
CA GLU C 21 -10.17 -11.65 -29.65
C GLU C 21 -9.44 -10.35 -29.30
N ALA C 22 -10.18 -9.23 -29.24
CA ALA C 22 -9.59 -7.96 -28.82
C ALA C 22 -9.15 -8.01 -27.37
N ASN C 23 -9.92 -8.69 -26.51
CA ASN C 23 -9.54 -8.86 -25.11
C ASN C 23 -8.30 -9.72 -24.98
N LYS C 24 -8.16 -10.76 -25.83
CA LYS C 24 -6.97 -11.60 -25.78
C LYS C 24 -5.73 -10.84 -26.26
N LYS C 25 -5.87 -10.01 -27.28
CA LYS C 25 -4.73 -9.20 -27.73
C LYS C 25 -4.33 -8.17 -26.68
N ILE C 26 -5.32 -7.52 -26.04
CA ILE C 26 -5.04 -6.55 -25.00
C ILE C 26 -4.41 -7.22 -23.77
N GLU C 27 -4.86 -8.42 -23.42
CA GLU C 27 -4.27 -9.14 -22.29
C GLU C 27 -2.86 -9.63 -22.60
N LYS C 28 -2.57 -9.99 -23.86
CA LYS C 28 -1.20 -10.33 -24.23
C LYS C 28 -0.28 -9.11 -24.15
N GLN C 29 -0.78 -7.95 -24.60
CA GLN C 29 0.01 -6.72 -24.48
C GLN C 29 0.22 -6.32 -23.02
N LEU C 30 -0.79 -6.55 -22.17
CA LEU C 30 -0.64 -6.26 -20.75
C LEU C 30 0.30 -7.24 -20.06
N GLN C 31 0.34 -8.50 -20.50
CA GLN C 31 1.31 -9.44 -19.92
C GLN C 31 2.73 -9.09 -20.34
N LYS C 32 2.92 -8.62 -21.58
CA LYS C 32 4.24 -8.16 -22.00
C LYS C 32 4.67 -6.91 -21.23
N ASP C 33 3.73 -5.98 -21.02
CA ASP C 33 4.03 -4.80 -20.21
C ASP C 33 4.21 -5.13 -18.73
N LYS C 34 3.63 -6.23 -18.26
CA LYS C 34 3.90 -6.70 -16.90
C LYS C 34 5.29 -7.30 -16.79
N GLN C 35 5.73 -8.03 -17.82
CA GLN C 35 7.09 -8.55 -17.84
C GLN C 35 8.12 -7.42 -17.92
N VAL C 36 7.77 -6.33 -18.60
CA VAL C 36 8.68 -5.17 -18.62
C VAL C 36 8.64 -4.43 -17.28
N TYR C 37 7.44 -4.24 -16.71
CA TYR C 37 7.26 -3.36 -15.56
C TYR C 37 7.74 -3.99 -14.25
N ARG C 38 7.59 -5.30 -14.08
CA ARG C 38 7.95 -5.93 -12.81
C ARG C 38 9.45 -6.05 -12.60
N ALA C 39 10.25 -5.92 -13.65
CA ALA C 39 11.70 -6.06 -13.52
C ALA C 39 12.42 -4.74 -13.27
N THR C 40 11.73 -3.61 -13.40
CA THR C 40 12.33 -2.30 -13.22
C THR C 40 12.06 -1.81 -11.79
N HIS C 41 13.00 -1.03 -11.24
CA HIS C 41 12.92 -0.53 -9.88
C HIS C 41 12.80 1.00 -9.91
N ARG C 42 11.77 1.53 -9.27
CA ARG C 42 11.50 2.96 -9.26
C ARG C 42 12.17 3.63 -8.06
N LEU C 43 12.62 4.87 -8.26
CA LEU C 43 13.28 5.66 -7.23
C LEU C 43 12.70 7.07 -7.21
N LEU C 44 12.67 7.69 -6.03
CA LEU C 44 12.20 9.06 -5.88
C LEU C 44 13.34 9.93 -5.39
N LEU C 45 13.87 10.79 -6.26
CA LEU C 45 14.91 11.74 -5.88
C LEU C 45 14.26 13.00 -5.32
N LEU C 46 14.54 13.31 -4.05
CA LEU C 46 13.90 14.44 -3.39
C LEU C 46 14.93 15.22 -2.59
N GLY C 47 14.81 16.54 -2.66
CA GLY C 47 15.72 17.41 -1.92
C GLY C 47 15.36 18.85 -2.20
N ALA C 48 16.09 19.75 -1.54
CA ALA C 48 15.88 21.18 -1.73
C ALA C 48 16.57 21.65 -3.01
N GLY C 49 16.35 22.91 -3.35
CA GLY C 49 16.93 23.48 -4.56
C GLY C 49 18.42 23.74 -4.43
N GLU C 50 18.85 24.15 -3.25
CA GLU C 50 20.25 24.44 -2.98
C GLU C 50 21.01 23.23 -2.46
N SER C 51 20.39 22.05 -2.44
CA SER C 51 21.07 20.86 -1.94
C SER C 51 22.07 20.30 -2.96
N GLY C 52 21.73 20.39 -4.24
CA GLY C 52 22.62 19.92 -5.28
C GLY C 52 22.08 18.77 -6.11
N LYS C 53 20.75 18.69 -6.23
CA LYS C 53 20.13 17.64 -7.03
C LYS C 53 20.31 17.87 -8.53
N SER C 54 20.60 19.10 -8.94
CA SER C 54 20.87 19.37 -10.36
C SER C 54 22.16 18.71 -10.81
N THR C 55 23.19 18.73 -9.96
CA THR C 55 24.43 18.02 -10.28
C THR C 55 24.21 16.51 -10.30
N ILE C 56 23.28 16.03 -9.47
CA ILE C 56 22.96 14.60 -9.42
C ILE C 56 22.26 14.17 -10.71
N VAL C 57 21.30 14.97 -11.18
CA VAL C 57 20.61 14.60 -12.42
C VAL C 57 21.43 14.92 -13.67
N LYS C 58 22.47 15.75 -13.55
CA LYS C 58 23.37 15.91 -14.69
C LYS C 58 24.36 14.77 -14.77
N GLN C 59 25.02 14.41 -13.66
CA GLN C 59 26.02 13.36 -13.70
C GLN C 59 25.38 11.98 -13.73
N MET C 60 24.61 11.64 -12.70
CA MET C 60 23.97 10.32 -12.63
C MET C 60 22.71 10.29 -13.50
N THR C 189 6.68 21.01 -18.33
CA THR C 189 6.69 19.71 -17.68
C THR C 189 6.75 19.86 -16.17
N GLY C 190 6.21 18.87 -15.45
CA GLY C 190 6.19 18.92 -14.00
C GLY C 190 7.10 17.90 -13.35
N ILE C 191 7.49 16.87 -14.09
CA ILE C 191 8.37 15.83 -13.58
C ILE C 191 9.32 15.44 -14.70
N PHE C 192 10.56 15.13 -14.33
CA PHE C 192 11.59 14.73 -15.28
C PHE C 192 11.95 13.27 -15.02
N GLU C 193 12.19 12.52 -16.10
CA GLU C 193 12.46 11.10 -16.03
C GLU C 193 13.93 10.85 -16.38
N THR C 194 14.59 10.02 -15.58
CA THR C 194 16.01 9.70 -15.79
C THR C 194 16.16 8.19 -15.82
N LYS C 195 16.53 7.65 -16.97
CA LYS C 195 16.69 6.21 -17.15
C LYS C 195 18.17 5.86 -17.11
N PHE C 196 18.51 4.83 -16.32
CA PHE C 196 19.87 4.29 -16.34
C PHE C 196 19.82 2.82 -15.99
N GLN C 197 20.99 2.18 -15.99
CA GLN C 197 21.08 0.76 -15.70
C GLN C 197 22.42 0.43 -15.05
N VAL C 198 22.39 -0.51 -14.12
CA VAL C 198 23.58 -1.03 -13.46
C VAL C 198 23.52 -2.54 -13.51
N ASP C 199 24.56 -3.16 -14.09
CA ASP C 199 24.73 -4.62 -14.20
C ASP C 199 23.52 -5.27 -14.89
N LYS C 200 23.08 -4.63 -15.98
CA LYS C 200 21.91 -5.00 -16.78
C LYS C 200 20.63 -4.99 -15.93
N VAL C 201 20.56 -4.06 -14.97
CA VAL C 201 19.39 -3.87 -14.12
C VAL C 201 18.91 -2.43 -14.31
N ASN C 202 17.66 -2.29 -14.72
CA ASN C 202 17.11 -0.98 -15.07
C ASN C 202 16.72 -0.20 -13.81
N PHE C 203 16.83 1.12 -13.92
CA PHE C 203 16.43 2.04 -12.86
C PHE C 203 15.87 3.32 -13.47
N HIS C 204 14.76 3.78 -12.91
CA HIS C 204 14.20 5.09 -13.26
C HIS C 204 14.27 5.99 -12.03
N MET C 205 14.69 7.23 -12.25
CA MET C 205 14.77 8.23 -11.20
C MET C 205 13.90 9.42 -11.60
N PHE C 206 12.99 9.79 -10.71
CA PHE C 206 11.97 10.82 -10.97
C PHE C 206 12.21 11.98 -10.01
N ASP C 207 12.94 12.99 -10.48
CA ASP C 207 13.10 14.21 -9.71
C ASP C 207 11.93 15.16 -9.93
N VAL C 208 11.61 15.92 -8.92
CA VAL C 208 10.47 16.84 -8.96
C VAL C 208 10.86 18.07 -9.76
N GLY C 209 9.96 18.52 -10.63
CA GLY C 209 10.24 19.68 -11.47
C GLY C 209 9.46 20.92 -11.11
N ALA C 210 8.59 21.37 -12.02
CA ALA C 210 7.85 22.62 -11.86
C ALA C 210 6.60 22.37 -11.01
N GLN C 211 6.82 22.24 -9.71
CA GLN C 211 5.74 22.12 -8.74
C GLN C 211 5.84 23.25 -7.72
N ARG C 212 4.84 23.34 -6.86
CA ARG C 212 4.82 24.36 -5.82
C ARG C 212 5.53 23.86 -4.56
N ASP C 213 5.48 24.67 -3.51
CA ASP C 213 6.12 24.32 -2.25
C ASP C 213 5.30 23.33 -1.43
N GLU C 214 3.99 23.26 -1.67
CA GLU C 214 3.13 22.34 -0.92
C GLU C 214 3.36 20.91 -1.40
N ARG C 215 3.65 20.02 -0.46
CA ARG C 215 4.02 18.65 -0.78
C ARG C 215 3.06 17.60 -0.23
N ARG C 216 2.00 17.99 0.48
CA ARG C 216 1.20 17.03 1.22
C ARG C 216 0.23 16.23 0.36
N LYS C 217 0.13 16.50 -0.94
CA LYS C 217 -0.82 15.79 -1.79
C LYS C 217 -0.17 14.96 -2.89
N TRP C 218 0.86 15.48 -3.56
CA TRP C 218 1.50 14.74 -4.63
C TRP C 218 2.59 13.79 -4.14
N ILE C 219 2.92 13.79 -2.85
CA ILE C 219 3.88 12.83 -2.32
C ILE C 219 3.22 11.48 -2.06
N GLN C 220 1.89 11.42 -2.05
CA GLN C 220 1.19 10.17 -1.81
C GLN C 220 1.18 9.27 -3.04
N CYS C 221 1.45 9.83 -4.22
CA CYS C 221 1.53 9.03 -5.43
C CYS C 221 2.81 8.19 -5.46
N PHE C 222 3.84 8.63 -4.75
CA PHE C 222 5.13 7.93 -4.71
C PHE C 222 5.19 6.94 -3.56
N ASN C 223 4.21 6.02 -3.48
CA ASN C 223 4.22 5.00 -2.44
C ASN C 223 4.56 3.61 -2.97
N ASP C 224 4.72 3.46 -4.28
CA ASP C 224 5.10 2.19 -4.87
C ASP C 224 6.58 2.15 -5.27
N VAL C 225 7.33 3.21 -4.99
CA VAL C 225 8.74 3.24 -5.32
C VAL C 225 9.52 2.39 -4.33
N THR C 226 10.75 2.06 -4.70
CA THR C 226 11.59 1.23 -3.84
C THR C 226 12.36 2.02 -2.81
N ALA C 227 12.80 3.23 -3.15
CA ALA C 227 13.61 4.03 -2.23
C ALA C 227 13.44 5.50 -2.57
N ILE C 228 13.62 6.34 -1.54
CA ILE C 228 13.62 7.78 -1.67
C ILE C 228 15.04 8.26 -1.44
N ILE C 229 15.70 8.72 -2.50
CA ILE C 229 17.04 9.29 -2.40
C ILE C 229 16.87 10.73 -1.93
N PHE C 230 17.11 10.96 -0.64
CA PHE C 230 16.87 12.25 0.00
C PHE C 230 18.21 12.97 0.11
N VAL C 231 18.34 14.07 -0.61
CA VAL C 231 19.60 14.82 -0.70
C VAL C 231 19.54 16.01 0.25
N VAL C 232 20.50 16.09 1.18
CA VAL C 232 20.61 17.21 2.08
C VAL C 232 21.95 17.91 1.82
N ALA C 233 22.03 19.16 2.23
CA ALA C 233 23.23 19.98 2.07
C ALA C 233 23.86 20.20 3.44
N SER C 234 25.05 19.64 3.64
CA SER C 234 25.74 19.76 4.91
C SER C 234 26.33 21.17 5.09
N SER C 235 25.58 22.05 5.73
CA SER C 235 26.03 23.42 5.94
C SER C 235 26.16 23.74 7.42
N GLN C 246 21.33 34.20 5.97
CA GLN C 246 21.51 32.75 6.03
C GLN C 246 20.47 32.10 6.92
N THR C 247 19.54 31.36 6.31
CA THR C 247 18.50 30.68 7.05
C THR C 247 18.98 29.31 7.51
N ASN C 248 18.23 28.72 8.43
CA ASN C 248 18.55 27.40 8.97
C ASN C 248 18.01 26.34 8.01
N ARG C 249 18.92 25.75 7.22
CA ARG C 249 18.53 24.75 6.23
C ARG C 249 18.54 23.33 6.81
N LEU C 250 19.42 23.06 7.77
CA LEU C 250 19.53 21.73 8.34
C LEU C 250 18.29 21.37 9.16
N GLN C 251 17.72 22.34 9.88
CA GLN C 251 16.52 22.07 10.67
C GLN C 251 15.32 21.86 9.76
N GLU C 252 15.26 22.57 8.64
CA GLU C 252 14.18 22.35 7.67
C GLU C 252 14.33 20.98 7.01
N ALA C 253 15.57 20.56 6.74
CA ALA C 253 15.80 19.23 6.19
C ALA C 253 15.44 18.14 7.21
N LEU C 254 15.71 18.37 8.49
CA LEU C 254 15.32 17.42 9.53
C LEU C 254 13.80 17.35 9.68
N ASN C 255 13.11 18.50 9.55
CA ASN C 255 11.66 18.50 9.63
C ASN C 255 11.03 17.79 8.44
N LEU C 256 11.59 17.98 7.24
CA LEU C 256 11.10 17.27 6.06
C LEU C 256 11.38 15.78 6.15
N PHE C 257 12.54 15.40 6.67
CA PHE C 257 12.86 13.98 6.86
C PHE C 257 11.96 13.34 7.91
N LYS C 258 11.62 14.08 8.97
CA LYS C 258 10.71 13.56 9.98
C LYS C 258 9.30 13.42 9.43
N SER C 259 8.86 14.36 8.58
CA SER C 259 7.54 14.27 7.99
C SER C 259 7.44 13.15 6.96
N ILE C 260 8.55 12.84 6.29
CA ILE C 260 8.57 11.69 5.38
C ILE C 260 8.59 10.39 6.19
N TRP C 261 9.41 10.33 7.25
CA TRP C 261 9.60 9.11 8.01
C TRP C 261 8.36 8.75 8.82
N ASN C 262 7.58 9.75 9.24
CA ASN C 262 6.40 9.53 10.07
C ASN C 262 5.10 9.68 9.28
N ASN C 263 5.18 9.64 7.95
CA ASN C 263 3.97 9.68 7.14
C ASN C 263 3.25 8.34 7.21
N ARG C 264 1.95 8.37 6.96
CA ARG C 264 1.16 7.14 7.02
C ARG C 264 1.43 6.24 5.82
N TRP C 265 1.55 6.83 4.64
CA TRP C 265 1.74 6.05 3.42
C TRP C 265 3.20 5.89 3.04
N LEU C 266 4.13 6.38 3.86
CA LEU C 266 5.56 6.28 3.58
C LEU C 266 6.28 5.46 4.64
N ARG C 267 5.57 4.53 5.28
CA ARG C 267 6.19 3.65 6.27
C ARG C 267 6.88 2.45 5.65
N THR C 268 6.53 2.10 4.41
CA THR C 268 7.09 0.92 3.77
C THR C 268 8.36 1.23 2.99
N ILE C 269 8.59 2.49 2.67
CA ILE C 269 9.70 2.91 1.81
C ILE C 269 10.90 3.25 2.67
N SER C 270 12.08 2.93 2.17
CA SER C 270 13.34 3.28 2.82
C SER C 270 13.94 4.52 2.17
N VAL C 271 14.80 5.20 2.92
CA VAL C 271 15.37 6.48 2.54
C VAL C 271 16.88 6.32 2.41
N ILE C 272 17.41 6.64 1.23
CA ILE C 272 18.85 6.70 1.01
C ILE C 272 19.26 8.16 1.20
N LEU C 273 19.93 8.44 2.32
CA LEU C 273 20.29 9.81 2.67
C LEU C 273 21.65 10.16 2.06
N PHE C 274 21.70 11.25 1.29
CA PHE C 274 22.93 11.74 0.68
C PHE C 274 23.28 13.10 1.25
N LEU C 275 24.34 13.16 2.05
CA LEU C 275 24.83 14.40 2.63
C LEU C 275 25.84 15.00 1.65
N ASN C 276 25.37 15.90 0.79
CA ASN C 276 26.20 16.50 -0.23
C ASN C 276 26.97 17.68 0.38
N LYS C 277 27.86 18.28 -0.41
CA LYS C 277 28.60 19.51 -0.09
C LYS C 277 29.51 19.32 1.13
N GLN C 278 30.38 18.31 1.05
CA GLN C 278 31.32 18.05 2.13
C GLN C 278 32.52 18.97 2.08
N ASP C 279 32.98 19.36 0.88
CA ASP C 279 34.08 20.32 0.77
C ASP C 279 33.66 21.70 1.25
N LEU C 280 32.38 22.06 1.09
CA LEU C 280 31.89 23.32 1.64
C LEU C 280 31.90 23.30 3.16
N LEU C 281 31.58 22.14 3.76
CA LEU C 281 31.69 22.01 5.21
C LEU C 281 33.15 22.06 5.66
N ALA C 282 34.05 21.48 4.86
CA ALA C 282 35.48 21.54 5.18
C ALA C 282 36.02 22.96 5.07
N GLU C 283 35.45 23.77 4.18
CA GLU C 283 35.83 25.18 4.12
C GLU C 283 35.24 25.98 5.27
N LYS C 284 33.95 25.79 5.58
CA LYS C 284 33.28 26.60 6.59
C LYS C 284 33.61 26.20 8.02
N VAL C 285 34.22 25.03 8.26
CA VAL C 285 34.62 24.68 9.62
C VAL C 285 35.93 25.38 10.00
N LEU C 286 36.66 25.92 9.02
CA LEU C 286 37.91 26.61 9.32
C LEU C 286 37.67 27.99 9.89
N ALA C 287 36.85 28.79 9.20
CA ALA C 287 36.54 30.14 9.66
C ALA C 287 35.04 30.32 9.83
N LYS C 291 28.74 28.04 11.47
CA LYS C 291 27.61 28.37 12.32
C LYS C 291 26.86 27.10 12.72
N ILE C 292 27.56 25.96 12.68
CA ILE C 292 26.94 24.70 13.06
C ILE C 292 26.75 24.61 14.57
N GLU C 293 27.71 25.13 15.35
CA GLU C 293 27.62 25.11 16.79
C GLU C 293 26.63 26.13 17.34
N ASP C 294 26.28 27.14 16.53
CA ASP C 294 25.29 28.12 16.97
C ASP C 294 23.87 27.60 16.79
N TYR C 295 23.60 26.94 15.66
CA TYR C 295 22.27 26.38 15.41
C TYR C 295 22.01 25.13 16.24
N PHE C 296 23.05 24.46 16.72
CA PHE C 296 22.91 23.26 17.52
C PHE C 296 23.85 23.30 18.73
N PRO C 297 23.34 23.43 19.94
CA PRO C 297 24.22 23.48 21.12
C PRO C 297 24.74 22.12 21.54
N GLU C 298 24.27 21.03 20.95
CA GLU C 298 24.75 19.69 21.25
C GLU C 298 26.06 19.37 20.55
N PHE C 299 26.56 20.26 19.71
CA PHE C 299 27.83 20.04 19.02
C PHE C 299 29.02 20.15 19.97
N ALA C 300 28.87 20.89 21.08
CA ALA C 300 29.95 20.98 22.06
C ALA C 300 30.07 19.70 22.87
N ARG C 301 28.96 19.18 23.36
CA ARG C 301 28.95 17.94 24.14
C ARG C 301 28.74 16.74 23.22
N TYR C 302 29.73 16.54 22.34
CA TYR C 302 29.67 15.45 21.38
C TYR C 302 31.09 15.00 21.05
N THR C 303 31.31 13.70 21.04
CA THR C 303 32.59 13.11 20.68
C THR C 303 32.43 12.28 19.40
N THR C 304 33.57 11.91 18.83
CA THR C 304 33.57 11.11 17.61
C THR C 304 33.21 9.66 17.94
N PRO C 305 32.24 9.06 17.26
CA PRO C 305 31.94 7.65 17.50
C PRO C 305 33.05 6.74 16.98
N GLU C 306 33.47 5.80 17.82
CA GLU C 306 34.58 4.92 17.50
C GLU C 306 34.18 3.74 16.61
N ASP C 307 32.89 3.50 16.44
CA ASP C 307 32.45 2.37 15.62
C ASP C 307 32.53 2.65 14.13
N ALA C 308 32.63 3.91 13.73
CA ALA C 308 32.73 4.28 12.33
C ALA C 308 34.19 4.39 11.91
N THR C 309 34.44 4.11 10.63
CA THR C 309 35.79 4.13 10.07
C THR C 309 35.94 5.29 9.10
N PRO C 310 36.56 6.40 9.49
CA PRO C 310 36.78 7.51 8.56
C PRO C 310 38.00 7.27 7.69
N GLU C 311 38.17 8.15 6.70
CA GLU C 311 39.33 8.05 5.83
C GLU C 311 40.48 8.89 6.37
N PRO C 312 41.72 8.45 6.21
CA PRO C 312 42.85 9.23 6.73
C PRO C 312 43.11 10.48 5.88
N GLY C 313 43.87 11.39 6.47
CA GLY C 313 44.15 12.66 5.81
C GLY C 313 43.02 13.65 5.89
N GLU C 314 42.30 13.67 7.02
CA GLU C 314 41.15 14.54 7.20
C GLU C 314 41.29 15.27 8.54
N ASP C 315 40.73 16.47 8.61
CA ASP C 315 40.70 17.21 9.86
C ASP C 315 39.67 16.57 10.78
N PRO C 316 39.95 16.48 12.09
CA PRO C 316 38.98 15.83 13.00
C PRO C 316 37.69 16.59 13.20
N ARG C 317 37.70 17.92 13.04
CA ARG C 317 36.47 18.69 13.19
C ARG C 317 35.52 18.44 12.03
N VAL C 318 36.05 18.17 10.83
CA VAL C 318 35.21 17.92 9.66
C VAL C 318 34.44 16.61 9.83
N THR C 319 35.14 15.53 10.16
CA THR C 319 34.46 14.25 10.38
C THR C 319 33.63 14.26 11.66
N ARG C 320 33.98 15.11 12.63
CA ARG C 320 33.15 15.29 13.81
C ARG C 320 31.82 15.93 13.46
N ALA C 321 31.83 16.95 12.60
CA ALA C 321 30.60 17.56 12.13
C ALA C 321 29.79 16.62 11.25
N LYS C 322 30.48 15.82 10.43
CA LYS C 322 29.81 14.80 9.61
C LYS C 322 29.07 13.79 10.46
N TYR C 323 29.75 13.26 11.49
CA TYR C 323 29.12 12.28 12.37
C TYR C 323 28.06 12.92 13.25
N PHE C 324 28.20 14.21 13.56
CA PHE C 324 27.15 14.91 14.32
C PHE C 324 25.87 15.06 13.51
N ILE C 325 25.99 15.45 12.23
CA ILE C 325 24.79 15.57 11.40
C ILE C 325 24.19 14.19 11.10
N ARG C 326 25.05 13.17 10.96
CA ARG C 326 24.55 11.81 10.75
C ARG C 326 23.82 11.29 11.98
N ASP C 327 24.32 11.60 13.19
CA ASP C 327 23.61 11.20 14.40
C ASP C 327 22.34 12.01 14.62
N GLU C 328 22.31 13.28 14.16
CA GLU C 328 21.08 14.05 14.23
C GLU C 328 20.01 13.51 13.30
N PHE C 329 20.40 12.94 12.15
CA PHE C 329 19.41 12.27 11.32
C PHE C 329 19.00 10.92 11.90
N LEU C 330 19.96 10.15 12.43
CA LEU C 330 19.63 8.82 12.97
C LEU C 330 18.94 8.88 14.33
N ARG C 331 18.92 10.04 15.01
CA ARG C 331 18.18 10.15 16.25
C ARG C 331 16.69 10.12 16.01
N ILE C 332 16.23 10.79 14.95
CA ILE C 332 14.82 10.74 14.56
C ILE C 332 14.54 9.61 13.57
N SER C 333 15.58 9.02 12.98
CA SER C 333 15.35 7.86 12.12
C SER C 333 15.08 6.60 12.92
N THR C 334 15.81 6.39 14.01
CA THR C 334 15.69 5.19 14.82
C THR C 334 14.70 5.35 15.98
N ALA C 335 13.75 6.28 15.87
CA ALA C 335 12.76 6.50 16.91
C ALA C 335 11.42 5.82 16.63
N SER C 336 11.04 5.68 15.35
CA SER C 336 9.76 5.08 15.02
C SER C 336 9.89 4.13 13.83
N GLY C 337 11.07 3.56 13.61
CA GLY C 337 11.27 2.62 12.52
C GLY C 337 10.67 1.27 12.79
N ASP C 338 11.11 0.64 13.89
CA ASP C 338 10.62 -0.66 14.38
C ASP C 338 10.81 -1.77 13.33
N GLY C 339 11.89 -1.69 12.56
CA GLY C 339 12.23 -2.72 11.60
C GLY C 339 11.43 -2.72 10.32
N ARG C 340 10.45 -1.83 10.18
CA ARG C 340 9.64 -1.80 8.96
C ARG C 340 10.39 -1.18 7.78
N HIS C 341 11.22 -0.18 8.06
CA HIS C 341 12.02 0.47 7.02
C HIS C 341 13.23 1.12 7.67
N TYR C 342 14.33 1.18 6.92
CA TYR C 342 15.60 1.66 7.41
C TYR C 342 16.05 2.89 6.64
N CYS C 343 17.09 3.53 7.15
CA CYS C 343 17.72 4.68 6.51
C CYS C 343 19.17 4.37 6.23
N TYR C 344 19.66 4.79 5.06
CA TYR C 344 21.02 4.48 4.61
C TYR C 344 21.76 5.78 4.37
N PRO C 345 22.46 6.30 5.39
CA PRO C 345 23.21 7.54 5.20
C PRO C 345 24.52 7.31 4.47
N HIS C 346 24.89 8.29 3.63
CA HIS C 346 26.13 8.22 2.87
C HIS C 346 26.76 9.60 2.81
N PHE C 347 28.08 9.63 2.71
CA PHE C 347 28.87 10.86 2.61
C PHE C 347 29.28 11.02 1.16
N THR C 348 28.63 11.93 0.45
CA THR C 348 28.88 12.13 -0.97
C THR C 348 29.32 13.56 -1.25
N CYS C 349 30.04 13.73 -2.36
CA CYS C 349 30.48 15.02 -2.84
C CYS C 349 29.66 15.40 -4.07
N SER C 350 29.91 16.61 -4.58
CA SER C 350 29.17 17.10 -5.74
C SER C 350 29.64 16.39 -7.01
N VAL C 351 30.94 16.33 -7.23
CA VAL C 351 31.51 15.68 -8.41
C VAL C 351 32.04 14.33 -7.94
N ASP C 352 31.21 13.30 -8.09
CA ASP C 352 31.58 11.94 -7.71
C ASP C 352 30.80 10.97 -8.57
N THR C 353 31.41 9.82 -8.86
CA THR C 353 30.79 8.78 -9.67
C THR C 353 30.54 7.50 -8.91
N GLU C 354 30.81 7.46 -7.61
CA GLU C 354 30.62 6.26 -6.80
C GLU C 354 29.24 6.19 -6.16
N ASN C 355 28.37 7.15 -6.45
CA ASN C 355 27.05 7.19 -5.83
C ASN C 355 26.11 6.16 -6.42
N ILE C 356 26.32 5.82 -7.70
CA ILE C 356 25.42 4.90 -8.40
C ILE C 356 25.56 3.49 -7.83
N ARG C 357 26.79 3.11 -7.47
CA ARG C 357 27.03 1.83 -6.83
C ARG C 357 26.43 1.79 -5.43
N ARG C 358 26.44 2.92 -4.71
CA ARG C 358 25.81 2.99 -3.40
C ARG C 358 24.30 2.84 -3.51
N VAL C 359 23.69 3.47 -4.52
CA VAL C 359 22.25 3.33 -4.74
C VAL C 359 21.89 1.89 -5.12
N PHE C 360 22.72 1.26 -5.95
CA PHE C 360 22.49 -0.13 -6.35
C PHE C 360 22.60 -1.09 -5.16
N ASN C 361 23.62 -0.91 -4.32
CA ASN C 361 23.80 -1.78 -3.16
C ASN C 361 22.71 -1.54 -2.12
N ASP C 362 22.26 -0.29 -1.96
CA ASP C 362 21.21 -0.01 -0.99
C ASP C 362 19.86 -0.56 -1.46
N CYS C 363 19.58 -0.50 -2.78
CA CYS C 363 18.37 -1.12 -3.30
C CYS C 363 18.42 -2.63 -3.19
N ARG C 364 19.61 -3.22 -3.37
CA ARG C 364 19.80 -4.65 -3.12
C ARG C 364 19.49 -4.99 -1.66
N ASP C 365 19.95 -4.16 -0.73
CA ASP C 365 19.70 -4.39 0.69
C ASP C 365 18.21 -4.26 1.03
N ILE C 366 17.53 -3.29 0.40
CA ILE C 366 16.10 -3.09 0.64
C ILE C 366 15.30 -4.29 0.14
N ILE C 367 15.59 -4.76 -1.07
CA ILE C 367 14.82 -5.87 -1.63
C ILE C 367 15.14 -7.18 -0.90
N GLN C 368 16.39 -7.37 -0.45
CA GLN C 368 16.71 -8.58 0.31
C GLN C 368 16.07 -8.56 1.68
N ARG C 369 16.01 -7.40 2.35
CA ARG C 369 15.30 -7.32 3.62
C ARG C 369 13.80 -7.50 3.44
N MET C 370 13.25 -7.07 2.30
CA MET C 370 11.83 -7.30 2.01
C MET C 370 11.54 -8.77 1.82
N HIS C 371 12.40 -9.49 1.08
CA HIS C 371 12.19 -10.93 0.90
C HIS C 371 12.45 -11.71 2.18
N LEU C 372 13.34 -11.23 3.06
CA LEU C 372 13.50 -11.87 4.36
C LEU C 372 12.29 -11.61 5.25
N ARG C 373 11.66 -10.44 5.12
CA ARG C 373 10.53 -10.11 5.96
C ARG C 373 9.24 -10.78 5.49
N GLN C 374 9.10 -11.04 4.18
CA GLN C 374 7.91 -11.74 3.69
C GLN C 374 7.89 -13.21 4.08
N TYR C 375 9.05 -13.82 4.33
CA TYR C 375 9.15 -15.20 4.80
C TYR C 375 9.15 -15.30 6.32
N GLU C 376 8.90 -14.19 7.02
CA GLU C 376 8.81 -14.11 8.49
C GLU C 376 10.09 -14.59 9.19
N LEU C 377 11.25 -14.35 8.55
CA LEU C 377 12.54 -14.72 9.14
C LEU C 377 13.14 -13.56 9.91
N LEU C 378 13.34 -12.43 9.25
CA LEU C 378 13.91 -11.25 9.89
C LEU C 378 12.79 -10.34 10.37
N GLU D 8 -1.64 50.29 5.43
CA GLU D 8 -2.73 50.18 4.47
C GLU D 8 -3.27 48.75 4.43
N LEU D 9 -2.55 47.84 5.07
CA LEU D 9 -2.98 46.44 5.15
C LEU D 9 -3.91 46.18 6.32
N ASP D 10 -3.91 47.04 7.34
CA ASP D 10 -4.77 46.82 8.50
C ASP D 10 -6.22 47.17 8.21
N GLN D 11 -6.45 48.25 7.45
CA GLN D 11 -7.81 48.67 7.17
C GLN D 11 -8.50 47.78 6.13
N LEU D 12 -7.75 47.25 5.16
CA LEU D 12 -8.33 46.35 4.17
C LEU D 12 -8.71 45.01 4.81
N ARG D 13 -7.83 44.47 5.66
CA ARG D 13 -8.16 43.23 6.36
C ARG D 13 -9.23 43.44 7.42
N GLN D 14 -9.31 44.64 7.99
CA GLN D 14 -10.39 44.96 8.92
C GLN D 14 -11.74 45.03 8.20
N GLU D 15 -11.76 45.63 7.00
CA GLU D 15 -12.97 45.64 6.19
C GLU D 15 -13.34 44.24 5.73
N ALA D 16 -12.35 43.39 5.45
CA ALA D 16 -12.62 42.01 5.08
C ALA D 16 -13.21 41.23 6.24
N GLU D 17 -12.71 41.47 7.47
CA GLU D 17 -13.28 40.82 8.64
C GLU D 17 -14.70 41.31 8.93
N GLN D 18 -14.96 42.60 8.67
CA GLN D 18 -16.32 43.13 8.83
C GLN D 18 -17.27 42.55 7.79
N LEU D 19 -16.79 42.34 6.56
CA LEU D 19 -17.63 41.72 5.54
C LEU D 19 -17.89 40.24 5.85
N LYS D 20 -16.89 39.55 6.40
CA LYS D 20 -17.11 38.16 6.83
C LYS D 20 -18.07 38.08 8.01
N ASN D 21 -18.02 39.07 8.91
CA ASN D 21 -18.98 39.11 10.01
C ASN D 21 -20.39 39.41 9.51
N GLN D 22 -20.52 40.25 8.48
CA GLN D 22 -21.84 40.49 7.88
C GLN D 22 -22.38 39.26 7.18
N ILE D 23 -21.51 38.52 6.48
CA ILE D 23 -21.92 37.27 5.85
C ILE D 23 -22.33 36.23 6.90
N ARG D 24 -21.60 36.17 8.02
CA ARG D 24 -21.94 35.24 9.09
C ARG D 24 -23.26 35.62 9.76
N ASP D 25 -23.52 36.93 9.91
CA ASP D 25 -24.79 37.36 10.48
C ASP D 25 -25.95 37.10 9.53
N ALA D 26 -25.73 37.23 8.22
CA ALA D 26 -26.77 36.92 7.25
C ALA D 26 -27.05 35.41 7.22
N ARG D 27 -26.02 34.59 7.36
CA ARG D 27 -26.22 33.15 7.39
C ARG D 27 -26.89 32.69 8.68
N LYS D 28 -26.60 33.35 9.80
CA LYS D 28 -27.32 33.02 11.04
C LYS D 28 -28.74 33.55 11.02
N ALA D 29 -29.01 34.63 10.27
CA ALA D 29 -30.37 35.13 10.13
C ALA D 29 -31.20 34.23 9.22
N CYS D 30 -30.59 33.70 8.16
CA CYS D 30 -31.30 32.79 7.27
C CYS D 30 -31.45 31.38 7.84
N ALA D 31 -30.72 31.04 8.90
CA ALA D 31 -30.78 29.71 9.49
C ALA D 31 -31.99 29.64 10.42
N ASP D 32 -33.11 29.20 9.88
CA ASP D 32 -34.33 29.06 10.68
C ASP D 32 -34.29 27.78 11.51
N ALA D 33 -34.17 26.64 10.85
CA ALA D 33 -34.10 25.34 11.53
C ALA D 33 -33.19 24.43 10.73
N THR D 34 -32.61 23.45 11.42
CA THR D 34 -31.70 22.54 10.76
C THR D 34 -32.45 21.49 9.95
N LEU D 35 -31.70 20.72 9.17
CA LEU D 35 -32.29 19.66 8.36
C LEU D 35 -32.69 18.45 9.20
N SER D 36 -32.02 18.24 10.34
CA SER D 36 -32.27 17.07 11.17
C SER D 36 -33.51 17.22 12.06
N GLN D 37 -34.26 18.31 11.93
CA GLN D 37 -35.48 18.51 12.71
C GLN D 37 -36.75 18.17 11.94
N ILE D 38 -36.82 18.50 10.64
CA ILE D 38 -38.03 18.29 9.86
C ILE D 38 -38.00 16.99 9.08
N THR D 39 -36.94 16.20 9.18
CA THR D 39 -36.85 14.91 8.51
C THR D 39 -37.25 13.75 9.42
N ASN D 40 -37.98 14.03 10.51
CA ASN D 40 -38.47 12.97 11.37
C ASN D 40 -39.70 12.28 10.79
N ASN D 41 -40.38 12.92 9.84
CA ASN D 41 -41.54 12.30 9.20
C ASN D 41 -41.14 11.36 8.07
N ILE D 42 -39.95 11.53 7.50
CA ILE D 42 -39.47 10.67 6.43
C ILE D 42 -39.05 9.34 7.03
N ASP D 43 -39.49 8.25 6.41
CA ASP D 43 -39.19 6.93 6.91
C ASP D 43 -37.72 6.58 6.64
N PRO D 44 -37.06 5.86 7.55
CA PRO D 44 -35.67 5.47 7.32
C PRO D 44 -35.56 4.38 6.26
N VAL D 45 -34.39 4.33 5.62
CA VAL D 45 -34.17 3.36 4.55
C VAL D 45 -33.92 1.97 5.12
N GLY D 46 -33.00 1.87 6.06
CA GLY D 46 -32.66 0.60 6.68
C GLY D 46 -31.29 0.09 6.24
N ARG D 47 -31.11 -1.22 6.42
CA ARG D 47 -29.86 -1.86 6.08
C ARG D 47 -29.75 -2.04 4.57
N ILE D 48 -28.62 -1.61 4.01
CA ILE D 48 -28.35 -1.70 2.58
C ILE D 48 -27.46 -2.92 2.34
N GLN D 49 -27.95 -3.88 1.55
CA GLN D 49 -27.22 -5.09 1.21
C GLN D 49 -26.85 -5.01 -0.27
N MET D 50 -25.56 -4.81 -0.54
CA MET D 50 -25.03 -4.83 -1.89
C MET D 50 -23.96 -5.90 -2.00
N ARG D 51 -23.80 -6.46 -3.20
CA ARG D 51 -22.82 -7.49 -3.46
C ARG D 51 -21.95 -7.09 -4.64
N THR D 52 -20.75 -7.65 -4.68
CA THR D 52 -19.81 -7.41 -5.77
C THR D 52 -20.20 -8.31 -6.93
N ARG D 53 -20.84 -7.74 -7.94
CA ARG D 53 -21.29 -8.54 -9.08
C ARG D 53 -20.15 -8.83 -10.04
N ARG D 54 -19.38 -7.81 -10.40
CA ARG D 54 -18.25 -7.95 -11.30
C ARG D 54 -16.98 -7.49 -10.59
N THR D 55 -15.84 -8.04 -11.02
CA THR D 55 -14.54 -7.62 -10.51
C THR D 55 -13.56 -7.52 -11.67
N LEU D 56 -13.00 -6.33 -11.85
CA LEU D 56 -12.14 -6.04 -12.98
C LEU D 56 -10.68 -6.05 -12.52
N ARG D 57 -9.89 -6.96 -13.10
CA ARG D 57 -8.48 -7.12 -12.73
C ARG D 57 -7.60 -7.16 -13.98
N GLY D 58 -7.11 -5.99 -14.39
CA GLY D 58 -6.20 -5.90 -15.52
C GLY D 58 -5.11 -4.87 -15.33
N HIS D 59 -5.09 -4.21 -14.18
CA HIS D 59 -4.11 -3.18 -13.88
C HIS D 59 -2.96 -3.76 -13.06
N LEU D 60 -1.84 -3.02 -13.06
CA LEU D 60 -0.66 -3.42 -12.31
C LEU D 60 -0.44 -2.57 -11.08
N ALA D 61 -0.37 -1.25 -11.24
CA ALA D 61 -0.18 -0.35 -10.11
C ALA D 61 -1.54 0.07 -9.57
N LYS D 62 -1.55 1.06 -8.69
CA LYS D 62 -2.79 1.46 -8.03
C LYS D 62 -3.68 2.26 -8.98
N ILE D 63 -4.97 1.94 -8.99
CA ILE D 63 -5.95 2.68 -9.78
C ILE D 63 -6.26 3.96 -9.05
N TYR D 64 -6.10 5.10 -9.72
CA TYR D 64 -6.31 6.36 -9.02
C TYR D 64 -7.64 7.01 -9.33
N ALA D 65 -8.20 6.82 -10.53
CA ALA D 65 -9.45 7.46 -10.89
C ALA D 65 -10.19 6.63 -11.92
N MET D 66 -11.48 6.94 -12.08
CA MET D 66 -12.33 6.32 -13.08
C MET D 66 -13.45 7.27 -13.43
N HIS D 67 -14.15 6.97 -14.53
CA HIS D 67 -15.31 7.75 -14.93
C HIS D 67 -16.22 6.88 -15.79
N TRP D 68 -17.52 6.90 -15.47
CA TRP D 68 -18.49 6.13 -16.24
C TRP D 68 -18.87 6.86 -17.53
N GLY D 69 -19.31 6.07 -18.51
CA GLY D 69 -19.88 6.63 -19.72
C GLY D 69 -21.34 7.00 -19.54
N THR D 70 -21.86 7.75 -20.51
CA THR D 70 -23.26 8.16 -20.47
C THR D 70 -24.21 7.03 -20.84
N ASP D 71 -23.73 5.99 -21.49
CA ASP D 71 -24.55 4.82 -21.79
C ASP D 71 -24.53 3.77 -20.69
N SER D 72 -23.76 4.02 -19.62
CA SER D 72 -23.60 3.11 -18.46
C SER D 72 -23.07 1.75 -18.88
N ARG D 73 -22.26 1.70 -19.93
CA ARG D 73 -21.71 0.45 -20.45
C ARG D 73 -20.20 0.41 -20.41
N LEU D 74 -19.54 1.46 -20.89
CA LEU D 74 -18.09 1.54 -20.89
C LEU D 74 -17.61 2.41 -19.72
N LEU D 75 -16.39 2.15 -19.28
CA LEU D 75 -15.82 2.96 -18.20
C LEU D 75 -14.32 3.03 -18.35
N VAL D 76 -13.76 4.22 -18.12
CA VAL D 76 -12.31 4.39 -18.17
C VAL D 76 -11.74 4.11 -16.79
N SER D 77 -10.45 3.76 -16.76
CA SER D 77 -9.75 3.56 -15.48
C SER D 77 -8.28 3.84 -15.68
N ALA D 78 -7.73 4.73 -14.86
CA ALA D 78 -6.34 5.15 -14.94
C ALA D 78 -5.52 4.55 -13.81
N SER D 79 -4.36 3.99 -14.16
CA SER D 79 -3.46 3.40 -13.18
C SER D 79 -2.16 4.17 -13.12
N GLN D 80 -1.31 3.80 -12.17
CA GLN D 80 -0.04 4.46 -11.93
C GLN D 80 1.14 3.76 -12.60
N ASP D 81 0.89 2.88 -13.57
CA ASP D 81 1.94 2.29 -14.36
C ASP D 81 2.03 2.87 -15.77
N GLY D 82 1.13 3.78 -16.12
CA GLY D 82 1.09 4.33 -17.46
C GLY D 82 0.06 3.65 -18.32
N LYS D 83 -1.09 3.33 -17.73
CA LYS D 83 -2.16 2.62 -18.42
C LYS D 83 -3.50 3.32 -18.19
N LEU D 84 -4.28 3.41 -19.26
CA LEU D 84 -5.65 3.92 -19.21
C LEU D 84 -6.51 2.91 -19.95
N ILE D 85 -7.23 2.08 -19.20
CA ILE D 85 -7.97 0.96 -19.77
C ILE D 85 -9.45 1.30 -19.80
N ILE D 86 -10.06 1.13 -20.97
CA ILE D 86 -11.49 1.31 -21.16
C ILE D 86 -12.13 -0.07 -21.11
N TRP D 87 -12.89 -0.31 -20.05
CA TRP D 87 -13.53 -1.57 -19.72
C TRP D 87 -14.99 -1.58 -20.19
N ASP D 88 -15.49 -2.78 -20.46
CA ASP D 88 -16.91 -3.03 -20.65
C ASP D 88 -17.44 -3.65 -19.36
N SER D 89 -18.37 -2.95 -18.69
CA SER D 89 -18.83 -3.33 -17.37
C SER D 89 -19.80 -4.51 -17.37
N TYR D 90 -20.30 -4.92 -18.54
CA TYR D 90 -21.28 -6.01 -18.61
C TYR D 90 -20.62 -7.38 -18.69
N THR D 91 -19.66 -7.56 -19.59
CA THR D 91 -19.06 -8.86 -19.85
C THR D 91 -17.60 -8.93 -19.41
N THR D 92 -17.09 -7.88 -18.75
CA THR D 92 -15.72 -7.77 -18.25
C THR D 92 -14.67 -7.97 -19.35
N ASN D 93 -14.93 -7.41 -20.52
CA ASN D 93 -13.99 -7.47 -21.63
C ASN D 93 -13.27 -6.13 -21.75
N LYS D 94 -11.95 -6.18 -21.91
CA LYS D 94 -11.15 -4.97 -22.07
C LYS D 94 -11.37 -4.44 -23.47
N VAL D 95 -11.98 -3.27 -23.59
CA VAL D 95 -12.27 -2.70 -24.90
C VAL D 95 -11.06 -1.95 -25.43
N HIS D 96 -10.43 -1.12 -24.59
CA HIS D 96 -9.24 -0.39 -25.01
C HIS D 96 -8.21 -0.40 -23.88
N ALA D 97 -6.94 -0.22 -24.26
CA ALA D 97 -5.85 -0.10 -23.30
C ALA D 97 -4.83 0.87 -23.88
N ILE D 98 -4.89 2.12 -23.45
CA ILE D 98 -4.02 3.17 -23.98
C ILE D 98 -2.78 3.25 -23.09
N PRO D 99 -1.57 3.05 -23.64
CA PRO D 99 -0.35 3.34 -22.87
C PRO D 99 -0.07 4.84 -22.90
N LEU D 100 0.26 5.40 -21.74
CA LEU D 100 0.40 6.83 -21.60
C LEU D 100 1.88 7.22 -21.58
N ARG D 101 2.13 8.52 -21.76
CA ARG D 101 3.50 9.02 -21.79
C ARG D 101 4.11 9.04 -20.39
N SER D 102 3.44 9.68 -19.44
CA SER D 102 3.87 9.69 -18.06
C SER D 102 3.04 8.70 -17.26
N SER D 103 3.69 7.98 -16.35
CA SER D 103 3.02 6.94 -15.57
C SER D 103 2.36 7.46 -14.30
N TRP D 104 2.45 8.76 -14.01
CA TRP D 104 1.78 9.36 -12.86
C TRP D 104 0.53 10.09 -13.34
N VAL D 105 -0.60 9.42 -13.23
CA VAL D 105 -1.89 9.94 -13.66
C VAL D 105 -2.75 10.15 -12.43
N MET D 106 -3.42 11.29 -12.36
CA MET D 106 -4.25 11.63 -11.21
C MET D 106 -5.71 11.83 -11.56
N THR D 107 -6.07 11.91 -12.85
CA THR D 107 -7.45 12.12 -13.23
C THR D 107 -7.69 11.53 -14.62
N CYS D 108 -8.97 11.27 -14.89
CA CYS D 108 -9.40 10.82 -16.21
C CYS D 108 -10.87 11.17 -16.37
N ALA D 109 -11.30 11.33 -17.62
CA ALA D 109 -12.67 11.70 -17.91
C ALA D 109 -13.11 11.01 -19.20
N TYR D 110 -14.42 10.95 -19.39
CA TYR D 110 -15.01 10.35 -20.57
C TYR D 110 -15.96 11.37 -21.18
N ALA D 111 -15.95 11.45 -22.52
CA ALA D 111 -16.77 12.45 -23.20
C ALA D 111 -18.26 12.08 -23.11
N PRO D 112 -19.15 13.08 -23.09
CA PRO D 112 -20.59 12.77 -23.10
C PRO D 112 -21.07 12.18 -24.41
N SER D 113 -20.34 12.38 -25.51
CA SER D 113 -20.65 11.72 -26.77
C SER D 113 -19.98 10.37 -26.90
N GLY D 114 -18.88 10.14 -26.17
CA GLY D 114 -18.17 8.88 -26.23
C GLY D 114 -17.04 8.83 -27.23
N ASN D 115 -16.54 9.97 -27.67
CA ASN D 115 -15.52 10.02 -28.72
C ASN D 115 -14.12 10.28 -28.17
N TYR D 116 -13.98 11.04 -27.08
CA TYR D 116 -12.68 11.44 -26.58
C TYR D 116 -12.52 11.03 -25.12
N VAL D 117 -11.28 10.83 -24.71
CA VAL D 117 -10.93 10.49 -23.32
C VAL D 117 -9.73 11.34 -22.92
N ALA D 118 -9.87 12.12 -21.84
CA ALA D 118 -8.78 12.95 -21.37
C ALA D 118 -8.12 12.35 -20.12
N CYS D 119 -6.88 12.74 -19.89
CA CYS D 119 -6.13 12.31 -18.73
C CYS D 119 -5.08 13.35 -18.37
N GLY D 120 -4.69 13.37 -17.10
CA GLY D 120 -3.67 14.31 -16.64
C GLY D 120 -3.00 13.78 -15.40
N GLY D 121 -1.95 14.47 -14.99
CA GLY D 121 -1.22 14.05 -13.81
C GLY D 121 -0.10 14.98 -13.38
N LEU D 122 1.04 14.41 -12.98
CA LEU D 122 2.16 15.21 -12.50
C LEU D 122 2.96 15.87 -13.62
N ASP D 123 2.66 15.57 -14.88
CA ASP D 123 3.36 16.18 -16.00
C ASP D 123 2.77 17.51 -16.42
N ASN D 124 1.72 17.96 -15.73
CA ASN D 124 1.03 19.24 -15.91
C ASN D 124 0.42 19.41 -17.31
N ILE D 125 0.19 18.30 -18.02
CA ILE D 125 -0.29 18.35 -19.40
C ILE D 125 -1.50 17.44 -19.52
N CYS D 126 -2.61 18.00 -19.99
CA CYS D 126 -3.83 17.23 -20.22
C CYS D 126 -3.80 16.63 -21.63
N SER D 127 -3.78 15.30 -21.70
CA SER D 127 -3.73 14.60 -22.98
C SER D 127 -5.14 14.09 -23.30
N ILE D 128 -5.63 14.46 -24.48
CA ILE D 128 -6.95 14.05 -24.96
C ILE D 128 -6.74 13.10 -26.13
N TYR D 129 -7.30 11.90 -26.00
CA TYR D 129 -7.20 10.83 -26.98
C TYR D 129 -8.53 10.64 -27.69
N ASN D 130 -8.46 10.24 -28.96
CA ASN D 130 -9.65 10.03 -29.78
C ASN D 130 -9.96 8.54 -29.87
N LEU D 131 -11.26 8.21 -29.89
CA LEU D 131 -11.71 6.83 -29.97
C LEU D 131 -12.42 6.53 -31.28
N LYS D 132 -12.27 7.38 -32.29
CA LYS D 132 -12.91 7.13 -33.57
C LYS D 132 -12.20 6.00 -34.31
N THR D 133 -10.86 6.02 -34.31
CA THR D 133 -9.96 5.00 -34.85
C THR D 133 -10.23 4.75 -36.35
N ARG D 134 -9.94 5.79 -37.14
CA ARG D 134 -10.03 5.68 -38.59
C ARG D 134 -8.99 4.69 -39.12
N GLU D 135 -7.77 4.79 -38.62
CA GLU D 135 -6.72 3.86 -39.01
C GLU D 135 -6.93 2.50 -38.34
N GLY D 136 -7.50 2.48 -37.15
CA GLY D 136 -7.75 1.24 -36.44
C GLY D 136 -7.26 1.28 -35.01
N ASN D 137 -6.41 2.26 -34.69
CA ASN D 137 -5.83 2.39 -33.37
C ASN D 137 -6.04 3.81 -32.85
N VAL D 138 -5.91 3.96 -31.53
CA VAL D 138 -6.04 5.27 -30.91
C VAL D 138 -4.71 6.04 -31.06
N ARG D 139 -4.81 7.35 -30.93
CA ARG D 139 -3.65 8.23 -31.05
C ARG D 139 -3.90 9.50 -30.26
N VAL D 140 -2.83 10.27 -30.05
CA VAL D 140 -2.89 11.50 -29.28
C VAL D 140 -3.61 12.55 -30.12
N SER D 141 -4.80 12.96 -29.69
CA SER D 141 -5.56 13.97 -30.43
C SER D 141 -5.17 15.38 -30.04
N ARG D 142 -4.92 15.62 -28.75
CA ARG D 142 -4.62 16.98 -28.30
C ARG D 142 -3.80 16.92 -27.02
N GLU D 143 -2.87 17.86 -26.87
CA GLU D 143 -2.12 18.04 -25.63
C GLU D 143 -2.26 19.49 -25.19
N LEU D 144 -2.71 19.68 -23.94
CA LEU D 144 -2.93 21.01 -23.37
C LEU D 144 -1.91 21.25 -22.28
N ALA D 145 -1.12 22.31 -22.41
CA ALA D 145 -0.04 22.61 -21.48
C ALA D 145 -0.07 24.10 -21.14
N GLY D 146 -0.76 24.44 -20.05
CA GLY D 146 -0.80 25.82 -19.60
C GLY D 146 -0.84 25.98 -18.09
N HIS D 147 -0.62 24.89 -17.36
CA HIS D 147 -0.62 24.92 -15.90
C HIS D 147 0.79 24.79 -15.37
N THR D 148 0.99 25.31 -14.16
CA THR D 148 2.28 25.26 -13.47
C THR D 148 2.24 24.36 -12.23
N GLY D 149 1.20 23.52 -12.11
CA GLY D 149 1.09 22.58 -11.03
C GLY D 149 0.42 21.32 -11.54
N TYR D 150 0.33 20.33 -10.66
CA TYR D 150 -0.20 19.02 -11.05
C TYR D 150 -1.69 19.10 -11.32
N LEU D 151 -2.12 18.45 -12.41
CA LEU D 151 -3.52 18.44 -12.81
C LEU D 151 -4.28 17.44 -11.95
N SER D 152 -5.26 17.91 -11.19
CA SER D 152 -5.95 17.05 -10.23
C SER D 152 -7.29 16.53 -10.73
N CYS D 153 -7.99 17.29 -11.59
CA CYS D 153 -9.28 16.85 -12.10
C CYS D 153 -9.54 17.46 -13.46
N CYS D 154 -10.34 16.77 -14.26
CA CYS D 154 -10.72 17.25 -15.58
C CYS D 154 -12.08 16.66 -15.93
N ARG D 155 -12.95 17.49 -16.53
CA ARG D 155 -14.30 17.09 -16.90
C ARG D 155 -14.66 17.73 -18.23
N PHE D 156 -15.47 17.01 -19.01
CA PHE D 156 -15.92 17.46 -20.33
C PHE D 156 -17.26 18.16 -20.22
N LEU D 157 -17.34 19.36 -20.81
CA LEU D 157 -18.64 19.99 -21.02
C LEU D 157 -19.29 19.46 -22.30
N ASP D 158 -18.53 19.47 -23.39
CA ASP D 158 -18.93 18.94 -24.69
C ASP D 158 -17.67 18.39 -25.37
N ASP D 159 -17.75 18.17 -26.68
CA ASP D 159 -16.59 17.71 -27.43
C ASP D 159 -15.59 18.81 -27.74
N ASN D 160 -15.93 20.08 -27.48
CA ASN D 160 -15.09 21.21 -27.82
C ASN D 160 -14.45 21.89 -26.62
N GLN D 161 -15.08 21.84 -25.45
CA GLN D 161 -14.59 22.52 -24.27
C GLN D 161 -14.32 21.51 -23.15
N ILE D 162 -13.37 21.86 -22.28
CA ILE D 162 -13.01 20.99 -21.16
C ILE D 162 -12.61 21.84 -19.97
N VAL D 163 -13.17 21.53 -18.81
CA VAL D 163 -12.86 22.22 -17.55
C VAL D 163 -11.85 21.38 -16.80
N THR D 164 -10.71 21.98 -16.45
CA THR D 164 -9.65 21.32 -15.71
C THR D 164 -9.34 22.11 -14.45
N SER D 165 -8.76 21.41 -13.47
CA SER D 165 -8.31 22.05 -12.24
C SER D 165 -6.90 21.54 -11.92
N SER D 166 -6.02 22.45 -11.54
CA SER D 166 -4.62 22.10 -11.36
C SER D 166 -4.18 22.41 -9.93
N GLY D 167 -2.96 21.96 -9.62
CA GLY D 167 -2.35 22.15 -8.32
C GLY D 167 -1.69 23.49 -8.08
N ASP D 168 -1.80 24.42 -9.03
CA ASP D 168 -1.31 25.78 -8.83
C ASP D 168 -2.43 26.75 -8.50
N THR D 169 -3.45 26.28 -7.76
CA THR D 169 -4.61 27.03 -7.29
C THR D 169 -5.41 27.66 -8.44
N THR D 170 -5.41 27.02 -9.60
CA THR D 170 -6.08 27.56 -10.79
C THR D 170 -6.96 26.51 -11.44
N CYS D 171 -8.15 26.92 -11.84
CA CYS D 171 -8.98 26.15 -12.76
C CYS D 171 -8.94 26.82 -14.13
N ALA D 172 -9.29 26.05 -15.15
CA ALA D 172 -9.20 26.59 -16.51
C ALA D 172 -10.20 25.91 -17.43
N LEU D 173 -10.91 26.71 -18.20
CA LEU D 173 -11.75 26.23 -19.29
C LEU D 173 -10.95 26.34 -20.58
N TRP D 174 -10.78 25.21 -21.25
CA TRP D 174 -9.95 25.06 -22.44
C TRP D 174 -10.85 24.79 -23.65
N ASP D 175 -10.45 25.33 -24.79
CA ASP D 175 -11.00 24.97 -26.09
C ASP D 175 -10.07 23.95 -26.72
N ILE D 176 -10.61 22.79 -27.09
CA ILE D 176 -9.78 21.68 -27.55
C ILE D 176 -9.27 21.93 -28.96
N GLU D 177 -10.04 22.63 -29.79
CA GLU D 177 -9.67 22.79 -31.20
C GLU D 177 -8.49 23.75 -31.37
N THR D 178 -8.57 24.93 -30.76
CA THR D 178 -7.48 25.90 -30.88
C THR D 178 -6.30 25.55 -29.98
N GLY D 179 -6.48 24.69 -28.99
CA GLY D 179 -5.38 24.30 -28.12
C GLY D 179 -4.98 25.36 -27.11
N GLN D 180 -5.84 26.31 -26.82
CA GLN D 180 -5.56 27.38 -25.87
C GLN D 180 -6.67 27.47 -24.85
N GLN D 181 -6.41 28.22 -23.77
CA GLN D 181 -7.38 28.39 -22.71
C GLN D 181 -8.47 29.34 -23.14
N THR D 182 -9.74 28.93 -22.99
CA THR D 182 -10.84 29.85 -23.20
C THR D 182 -10.91 30.86 -22.08
N THR D 183 -10.89 30.39 -20.83
CA THR D 183 -10.86 31.30 -19.69
C THR D 183 -10.19 30.61 -18.51
N THR D 184 -9.92 31.39 -17.47
CA THR D 184 -9.22 30.91 -16.29
C THR D 184 -10.02 31.26 -15.04
N PHE D 185 -9.67 30.60 -13.93
CA PHE D 185 -10.34 30.78 -12.65
C PHE D 185 -9.26 30.81 -11.58
N THR D 186 -8.96 31.99 -11.04
CA THR D 186 -7.90 32.20 -10.06
C THR D 186 -8.51 32.82 -8.81
N GLY D 187 -9.01 31.98 -7.90
CA GLY D 187 -9.55 32.49 -6.66
C GLY D 187 -9.21 31.68 -5.43
N HIS D 188 -8.54 30.54 -5.62
CA HIS D 188 -8.23 29.66 -4.51
C HIS D 188 -6.84 29.95 -3.94
N THR D 189 -6.66 29.60 -2.67
CA THR D 189 -5.37 29.69 -2.00
C THR D 189 -4.72 28.33 -1.75
N GLY D 190 -5.49 27.23 -1.86
CA GLY D 190 -4.95 25.90 -1.71
C GLY D 190 -5.14 25.11 -3.00
N ASP D 191 -4.57 23.91 -3.00
CA ASP D 191 -4.56 23.06 -4.19
C ASP D 191 -5.97 22.55 -4.46
N VAL D 192 -6.51 22.86 -5.64
CA VAL D 192 -7.85 22.41 -6.00
C VAL D 192 -7.80 20.91 -6.29
N MET D 193 -8.60 20.15 -5.55
CA MET D 193 -8.53 18.69 -5.63
C MET D 193 -9.52 18.07 -6.60
N SER D 194 -10.77 18.50 -6.58
CA SER D 194 -11.78 17.92 -7.46
C SER D 194 -12.83 18.95 -7.80
N LEU D 195 -13.52 18.72 -8.92
CA LEU D 195 -14.61 19.58 -9.35
C LEU D 195 -15.76 18.69 -9.81
N SER D 196 -16.95 19.28 -9.88
CA SER D 196 -18.15 18.58 -10.32
C SER D 196 -19.00 19.54 -11.11
N LEU D 197 -19.40 19.12 -12.31
CA LEU D 197 -20.19 19.97 -13.19
C LEU D 197 -21.66 19.94 -12.80
N ALA D 198 -22.41 20.90 -13.35
CA ALA D 198 -23.84 20.95 -13.17
C ALA D 198 -24.52 19.98 -14.14
N PRO D 199 -25.76 19.57 -13.86
CA PRO D 199 -26.51 18.78 -14.85
C PRO D 199 -26.82 19.53 -16.13
N ASP D 200 -26.95 20.85 -16.08
CA ASP D 200 -27.16 21.66 -17.29
C ASP D 200 -25.87 22.32 -17.78
N THR D 201 -24.73 22.01 -17.16
CA THR D 201 -23.39 22.52 -17.51
C THR D 201 -23.33 24.05 -17.51
N ARG D 202 -23.95 24.66 -16.49
CA ARG D 202 -23.99 26.10 -16.34
C ARG D 202 -23.01 26.61 -15.28
N LEU D 203 -22.91 25.91 -14.15
CA LEU D 203 -21.99 26.26 -13.07
C LEU D 203 -21.15 25.03 -12.74
N PHE D 204 -20.12 25.22 -11.92
CA PHE D 204 -19.41 24.07 -11.38
C PHE D 204 -18.78 24.45 -10.03
N VAL D 205 -18.80 23.49 -9.11
CA VAL D 205 -18.18 23.66 -7.81
C VAL D 205 -16.74 23.15 -7.87
N SER D 206 -15.89 23.67 -6.98
CA SER D 206 -14.50 23.23 -6.91
C SER D 206 -14.02 23.36 -5.48
N GLY D 207 -13.55 22.26 -4.91
CA GLY D 207 -13.02 22.25 -3.55
C GLY D 207 -11.50 22.23 -3.55
N ALA D 208 -10.90 22.96 -2.61
CA ALA D 208 -9.47 23.11 -2.55
C ALA D 208 -8.93 22.63 -1.19
N CYS D 209 -7.63 22.81 -1.00
CA CYS D 209 -6.93 22.38 0.21
C CYS D 209 -6.89 23.45 1.28
N ASP D 210 -7.72 24.49 1.19
CA ASP D 210 -7.85 25.49 2.24
C ASP D 210 -9.21 25.42 2.92
N ALA D 211 -9.84 24.23 2.87
CA ALA D 211 -11.18 23.96 3.41
C ALA D 211 -12.23 24.91 2.82
N SER D 212 -12.20 25.05 1.50
CA SER D 212 -13.11 25.96 0.81
C SER D 212 -13.56 25.34 -0.50
N ALA D 213 -14.87 25.46 -0.77
CA ALA D 213 -15.47 25.03 -2.02
C ALA D 213 -16.13 26.24 -2.66
N LYS D 214 -15.70 26.60 -3.87
CA LYS D 214 -16.20 27.78 -4.55
C LYS D 214 -17.04 27.40 -5.76
N LEU D 215 -18.09 28.19 -6.01
CA LEU D 215 -19.00 28.00 -7.13
C LEU D 215 -18.62 28.94 -8.25
N TRP D 216 -18.17 28.38 -9.37
CA TRP D 216 -17.69 29.15 -10.51
C TRP D 216 -18.72 29.10 -11.64
N ASP D 217 -18.80 30.19 -12.39
CA ASP D 217 -19.62 30.26 -13.59
C ASP D 217 -18.74 29.99 -14.80
N VAL D 218 -19.29 29.25 -15.76
CA VAL D 218 -18.49 28.80 -16.91
C VAL D 218 -18.29 29.93 -17.91
N ARG D 219 -19.38 30.60 -18.31
CA ARG D 219 -19.30 31.59 -19.36
C ARG D 219 -18.72 32.92 -18.86
N GLU D 220 -19.07 33.33 -17.64
CA GLU D 220 -18.58 34.60 -17.12
C GLU D 220 -17.10 34.50 -16.73
N GLY D 221 -16.77 33.56 -15.85
CA GLY D 221 -15.39 33.38 -15.43
C GLY D 221 -15.05 34.06 -14.14
N MET D 222 -15.95 34.00 -13.17
CA MET D 222 -15.74 34.67 -11.89
C MET D 222 -16.48 33.89 -10.80
N CYS D 223 -15.93 33.91 -9.60
CA CYS D 223 -16.51 33.17 -8.48
C CYS D 223 -17.81 33.84 -8.00
N ARG D 224 -18.80 33.01 -7.71
CA ARG D 224 -20.09 33.48 -7.19
C ARG D 224 -20.20 33.32 -5.68
N GLN D 225 -20.04 32.09 -5.18
CA GLN D 225 -20.20 31.80 -3.76
C GLN D 225 -19.01 31.00 -3.26
N THR D 226 -18.75 31.11 -1.95
CA THR D 226 -17.65 30.44 -1.29
C THR D 226 -18.17 29.77 -0.03
N PHE D 227 -17.80 28.50 0.17
CA PHE D 227 -18.28 27.69 1.28
C PHE D 227 -17.08 27.24 2.10
N THR D 228 -17.02 27.65 3.37
CA THR D 228 -15.96 27.27 4.29
C THR D 228 -16.61 26.64 5.51
N GLY D 229 -16.64 25.30 5.54
CA GLY D 229 -17.24 24.60 6.66
C GLY D 229 -16.41 23.46 7.20
N HIS D 230 -15.33 23.11 6.49
CA HIS D 230 -14.48 22.01 6.89
C HIS D 230 -13.30 22.47 7.74
N GLU D 231 -12.52 21.50 8.20
CA GLU D 231 -11.36 21.74 9.04
C GLU D 231 -10.04 21.36 8.39
N SER D 232 -10.06 20.55 7.33
CA SER D 232 -8.86 20.05 6.70
C SER D 232 -9.05 20.13 5.18
N ASP D 233 -8.17 19.43 4.46
CA ASP D 233 -8.15 19.51 3.00
C ASP D 233 -9.34 18.78 2.40
N ILE D 234 -10.10 19.47 1.56
CA ILE D 234 -11.25 18.88 0.88
C ILE D 234 -10.75 18.09 -0.32
N ASN D 235 -10.95 16.77 -0.30
CA ASN D 235 -10.38 15.91 -1.33
C ASN D 235 -11.35 15.60 -2.46
N ALA D 236 -12.65 15.55 -2.18
CA ALA D 236 -13.63 15.16 -3.18
C ALA D 236 -14.88 16.02 -3.06
N ILE D 237 -15.64 16.06 -4.14
CA ILE D 237 -16.86 16.87 -4.20
C ILE D 237 -17.78 16.23 -5.24
N CYS D 238 -19.09 16.42 -5.06
CA CYS D 238 -20.08 15.83 -5.96
C CYS D 238 -21.34 16.67 -5.91
N PHE D 239 -21.87 16.99 -7.08
CA PHE D 239 -23.04 17.84 -7.19
C PHE D 239 -24.29 16.99 -6.96
N PHE D 240 -25.36 17.61 -6.46
CA PHE D 240 -26.61 16.89 -6.25
C PHE D 240 -27.28 16.63 -7.60
N PRO D 241 -28.06 15.56 -7.72
CA PRO D 241 -28.73 15.27 -9.02
C PRO D 241 -29.77 16.31 -9.47
N ASN D 242 -30.32 17.13 -8.58
CA ASN D 242 -31.25 18.15 -9.05
C ASN D 242 -30.57 19.42 -9.52
N GLY D 243 -29.45 19.78 -8.91
CA GLY D 243 -28.71 20.95 -9.29
C GLY D 243 -28.76 22.12 -8.32
N ASN D 244 -29.11 21.89 -7.05
CA ASN D 244 -29.17 22.97 -6.07
C ASN D 244 -28.30 22.74 -4.84
N ALA D 245 -27.66 21.59 -4.70
CA ALA D 245 -26.86 21.27 -3.53
C ALA D 245 -25.62 20.51 -3.96
N PHE D 246 -24.70 20.31 -3.02
CA PHE D 246 -23.54 19.45 -3.27
C PHE D 246 -23.02 18.91 -1.95
N ALA D 247 -22.08 17.98 -2.05
CA ALA D 247 -21.49 17.34 -0.88
C ALA D 247 -19.98 17.25 -1.02
N THR D 248 -19.28 17.52 0.08
CA THR D 248 -17.83 17.52 0.10
C THR D 248 -17.32 16.51 1.12
N GLY D 249 -16.15 15.94 0.84
CA GLY D 249 -15.46 15.07 1.77
C GLY D 249 -14.06 15.58 2.03
N SER D 250 -13.62 15.48 3.29
CA SER D 250 -12.32 16.02 3.65
C SER D 250 -11.51 15.02 4.48
N ASP D 251 -10.37 15.45 5.01
CA ASP D 251 -9.48 14.59 5.78
C ASP D 251 -9.83 14.53 7.26
N ASP D 252 -10.82 15.30 7.71
CA ASP D 252 -11.26 15.28 9.10
C ASP D 252 -12.41 14.31 9.34
N ALA D 253 -12.56 13.29 8.48
CA ALA D 253 -13.54 12.21 8.60
C ALA D 253 -14.98 12.71 8.64
N THR D 254 -15.25 13.84 8.00
CA THR D 254 -16.59 14.43 7.96
C THR D 254 -16.99 14.69 6.52
N CYS D 255 -18.15 14.18 6.12
CA CYS D 255 -18.79 14.63 4.90
C CYS D 255 -19.70 15.80 5.24
N ARG D 256 -19.87 16.72 4.30
CA ARG D 256 -20.74 17.86 4.54
C ARG D 256 -21.60 18.15 3.32
N LEU D 257 -22.90 18.25 3.56
CA LEU D 257 -23.89 18.55 2.53
C LEU D 257 -24.19 20.05 2.63
N PHE D 258 -23.78 20.78 1.58
CA PHE D 258 -23.95 22.21 1.42
C PHE D 258 -25.07 22.51 0.44
N ASP D 259 -25.67 23.69 0.61
CA ASP D 259 -26.74 24.19 -0.25
C ASP D 259 -26.25 25.41 -1.03
N LEU D 260 -26.77 25.57 -2.24
CA LEU D 260 -26.44 26.74 -3.03
C LEU D 260 -27.34 27.93 -2.74
N ARG D 261 -28.57 27.68 -2.30
CA ARG D 261 -29.50 28.77 -2.05
C ARG D 261 -29.22 29.46 -0.72
N ALA D 262 -29.08 28.66 0.35
CA ALA D 262 -28.91 29.21 1.69
C ALA D 262 -27.50 29.68 1.97
N ASP D 263 -26.53 29.32 1.12
CA ASP D 263 -25.12 29.73 1.20
C ASP D 263 -24.48 29.28 2.52
N GLN D 264 -24.91 28.13 3.05
CA GLN D 264 -24.32 27.59 4.26
C GLN D 264 -24.50 26.08 4.26
N GLU D 265 -23.87 25.44 5.24
CA GLU D 265 -23.91 23.98 5.35
C GLU D 265 -25.27 23.52 5.88
N LEU D 266 -25.77 22.44 5.29
CA LEU D 266 -27.02 21.85 5.74
C LEU D 266 -26.82 20.68 6.68
N MET D 267 -25.92 19.75 6.36
CA MET D 267 -25.78 18.57 7.20
C MET D 267 -24.32 18.13 7.25
N THR D 268 -23.96 17.43 8.32
CA THR D 268 -22.62 16.91 8.55
C THR D 268 -22.72 15.43 8.89
N TYR D 269 -22.02 14.61 8.12
CA TYR D 269 -22.03 13.15 8.24
C TYR D 269 -20.71 12.75 8.89
N SER D 270 -20.77 12.28 10.13
CA SER D 270 -19.56 11.91 10.85
C SER D 270 -19.89 10.82 11.86
N HIS D 271 -18.84 10.31 12.50
CA HIS D 271 -18.99 9.29 13.52
C HIS D 271 -17.79 9.41 14.46
N ASP D 272 -17.90 8.77 15.63
CA ASP D 272 -16.83 8.84 16.61
C ASP D 272 -15.70 7.86 16.32
N ASN D 273 -16.02 6.73 15.67
CA ASN D 273 -15.01 5.71 15.40
C ASN D 273 -14.27 5.96 14.08
N ILE D 274 -14.83 6.76 13.18
CA ILE D 274 -14.18 7.04 11.90
C ILE D 274 -13.18 8.16 12.10
N ILE D 275 -11.90 7.86 11.89
CA ILE D 275 -10.83 8.84 12.05
C ILE D 275 -9.95 8.86 10.81
N CYS D 276 -10.50 8.44 9.67
CA CYS D 276 -9.76 8.35 8.42
C CYS D 276 -10.28 9.35 7.41
N GLY D 277 -9.42 9.70 6.46
CA GLY D 277 -9.76 10.68 5.45
C GLY D 277 -10.75 10.13 4.42
N ILE D 278 -11.30 11.06 3.63
CA ILE D 278 -12.30 10.75 2.61
C ILE D 278 -11.69 11.05 1.26
N THR D 279 -11.81 10.10 0.33
CA THR D 279 -11.20 10.22 -0.99
C THR D 279 -12.20 10.44 -2.12
N SER D 280 -13.39 9.85 -2.03
CA SER D 280 -14.35 9.95 -3.13
C SER D 280 -15.76 9.93 -2.57
N VAL D 281 -16.60 10.84 -3.05
CA VAL D 281 -18.01 10.89 -2.70
C VAL D 281 -18.83 10.95 -3.98
N SER D 282 -20.03 10.37 -3.92
CA SER D 282 -20.94 10.37 -5.06
C SER D 282 -22.36 10.12 -4.57
N PHE D 283 -23.33 10.66 -5.31
CA PHE D 283 -24.74 10.48 -5.03
C PHE D 283 -25.32 9.36 -5.90
N SER D 284 -26.51 8.93 -5.52
CA SER D 284 -27.27 7.94 -6.28
C SER D 284 -28.08 8.64 -7.36
N LYS D 285 -28.98 7.91 -8.02
CA LYS D 285 -29.81 8.51 -9.06
C LYS D 285 -30.91 9.37 -8.44
N SER D 286 -31.46 8.95 -7.31
CA SER D 286 -32.51 9.70 -6.64
C SER D 286 -31.98 10.72 -5.65
N GLY D 287 -30.74 10.57 -5.19
CA GLY D 287 -30.17 11.47 -4.21
C GLY D 287 -30.47 11.13 -2.77
N ARG D 288 -31.07 9.97 -2.50
CA ARG D 288 -31.36 9.59 -1.12
C ARG D 288 -30.14 9.02 -0.43
N LEU D 289 -29.32 8.25 -1.15
CA LEU D 289 -28.11 7.68 -0.60
C LEU D 289 -26.91 8.55 -0.95
N LEU D 290 -25.88 8.48 -0.10
CA LEU D 290 -24.62 9.18 -0.31
C LEU D 290 -23.48 8.21 -0.03
N LEU D 291 -22.75 7.84 -1.08
CA LEU D 291 -21.65 6.90 -0.93
C LEU D 291 -20.36 7.67 -0.72
N ALA D 292 -19.53 7.20 0.21
CA ALA D 292 -18.29 7.89 0.55
C ALA D 292 -17.18 6.87 0.74
N GLY D 293 -16.06 7.10 0.05
CA GLY D 293 -14.90 6.24 0.16
C GLY D 293 -13.94 6.77 1.20
N TYR D 294 -13.57 5.91 2.14
CA TYR D 294 -12.71 6.25 3.26
C TYR D 294 -11.33 5.60 3.10
N ASP D 295 -10.50 5.77 4.12
CA ASP D 295 -9.14 5.23 4.12
C ASP D 295 -8.99 3.97 4.96
N ASP D 296 -10.07 3.51 5.62
CA ASP D 296 -10.05 2.28 6.41
C ASP D 296 -10.58 1.08 5.65
N PHE D 297 -10.26 1.05 4.35
CA PHE D 297 -10.38 -0.10 3.45
C PHE D 297 -11.84 -0.44 3.11
N ASN D 298 -12.78 0.46 3.37
CA ASN D 298 -14.18 0.22 3.03
C ASN D 298 -14.90 1.54 2.80
N CYS D 299 -16.00 1.46 2.07
CA CYS D 299 -16.85 2.61 1.79
C CYS D 299 -18.10 2.57 2.67
N ASN D 300 -18.69 3.74 2.89
CA ASN D 300 -19.89 3.86 3.70
C ASN D 300 -21.01 4.51 2.90
N VAL D 301 -22.20 3.92 2.97
CA VAL D 301 -23.39 4.43 2.32
C VAL D 301 -24.23 5.09 3.41
N TRP D 302 -24.22 6.42 3.44
CA TRP D 302 -24.99 7.21 4.39
C TRP D 302 -26.36 7.54 3.81
N ASP D 303 -27.31 7.81 4.69
CA ASP D 303 -28.60 8.36 4.31
C ASP D 303 -28.47 9.88 4.26
N ALA D 304 -28.76 10.46 3.10
CA ALA D 304 -28.55 11.89 2.91
C ALA D 304 -29.56 12.77 3.64
N LEU D 305 -30.67 12.21 4.11
CA LEU D 305 -31.67 12.99 4.81
C LEU D 305 -31.80 12.63 6.29
N LYS D 306 -31.20 11.53 6.73
CA LYS D 306 -31.29 11.10 8.12
C LYS D 306 -29.95 11.07 8.85
N ALA D 307 -28.83 11.25 8.13
CA ALA D 307 -27.47 11.25 8.66
C ALA D 307 -27.13 9.95 9.40
N ASP D 308 -27.62 8.83 8.89
CA ASP D 308 -27.37 7.52 9.45
C ASP D 308 -26.59 6.68 8.46
N ARG D 309 -25.63 5.91 8.95
CA ARG D 309 -24.83 5.03 8.10
C ARG D 309 -25.70 3.83 7.74
N ALA D 310 -26.31 3.89 6.55
CA ALA D 310 -27.27 2.86 6.15
C ALA D 310 -26.59 1.57 5.72
N GLY D 311 -25.40 1.66 5.12
CA GLY D 311 -24.73 0.47 4.65
C GLY D 311 -23.23 0.63 4.61
N VAL D 312 -22.55 -0.49 4.41
CA VAL D 312 -21.09 -0.52 4.33
C VAL D 312 -20.67 -1.46 3.20
N LEU D 313 -19.74 -0.99 2.37
CA LEU D 313 -19.20 -1.76 1.26
C LEU D 313 -17.76 -2.10 1.61
N ALA D 314 -17.53 -3.34 2.05
CA ALA D 314 -16.23 -3.79 2.52
C ALA D 314 -15.79 -4.98 1.67
N GLY D 315 -15.04 -4.69 0.60
CA GLY D 315 -14.51 -5.75 -0.23
C GLY D 315 -13.10 -5.48 -0.74
N HIS D 316 -12.54 -4.32 -0.40
CA HIS D 316 -11.23 -3.92 -0.88
C HIS D 316 -10.16 -4.23 0.14
N ASP D 317 -8.93 -4.44 -0.35
CA ASP D 317 -7.80 -4.75 0.50
C ASP D 317 -6.90 -3.55 0.74
N ASN D 318 -7.01 -2.48 -0.05
CA ASN D 318 -6.15 -1.32 0.13
C ASN D 318 -7.02 -0.06 0.13
N ARG D 319 -6.40 1.11 0.12
CA ARG D 319 -7.08 2.38 0.27
C ARG D 319 -7.93 2.72 -0.96
N VAL D 320 -9.21 3.00 -0.72
CA VAL D 320 -10.15 3.32 -1.80
C VAL D 320 -9.83 4.70 -2.35
N SER D 321 -9.62 4.77 -3.67
CA SER D 321 -9.21 6.01 -4.32
C SER D 321 -10.31 6.65 -5.17
N CYS D 322 -11.24 5.88 -5.71
CA CYS D 322 -12.24 6.45 -6.59
C CYS D 322 -13.55 5.67 -6.50
N LEU D 323 -14.66 6.37 -6.71
CA LEU D 323 -15.98 5.79 -6.64
C LEU D 323 -16.86 6.47 -7.69
N GLY D 324 -17.63 5.67 -8.42
CA GLY D 324 -18.49 6.21 -9.47
C GLY D 324 -19.83 5.53 -9.59
N VAL D 325 -20.89 6.33 -9.74
CA VAL D 325 -22.26 5.84 -9.87
C VAL D 325 -22.74 6.15 -11.28
N THR D 326 -23.45 5.20 -11.89
CA THR D 326 -23.93 5.34 -13.26
C THR D 326 -25.04 6.39 -13.34
N ASP D 327 -25.39 6.76 -14.57
CA ASP D 327 -26.39 7.79 -14.77
C ASP D 327 -27.80 7.28 -14.47
N ASP D 328 -28.06 6.00 -14.75
CA ASP D 328 -29.33 5.39 -14.38
C ASP D 328 -29.32 4.82 -12.97
N GLY D 329 -28.19 4.86 -12.28
CA GLY D 329 -28.11 4.37 -10.92
C GLY D 329 -28.17 2.87 -10.78
N MET D 330 -27.64 2.14 -11.76
CA MET D 330 -27.77 0.68 -11.76
C MET D 330 -26.66 0.00 -10.96
N ALA D 331 -25.48 0.61 -10.88
CA ALA D 331 -24.35 -0.02 -10.20
C ALA D 331 -23.40 1.06 -9.70
N VAL D 332 -22.48 0.66 -8.82
CA VAL D 332 -21.46 1.55 -8.28
C VAL D 332 -20.10 0.88 -8.46
N ALA D 333 -19.22 1.50 -9.24
CA ALA D 333 -17.88 0.98 -9.44
C ALA D 333 -16.91 1.67 -8.50
N THR D 334 -16.24 0.89 -7.66
CA THR D 334 -15.28 1.41 -6.70
C THR D 334 -13.89 0.89 -7.05
N GLY D 335 -12.92 1.80 -7.13
CA GLY D 335 -11.55 1.43 -7.40
C GLY D 335 -10.62 1.86 -6.28
N SER D 336 -9.78 0.93 -5.84
CA SER D 336 -8.88 1.13 -4.72
C SER D 336 -7.44 0.94 -5.18
N TRP D 337 -6.51 0.99 -4.22
CA TRP D 337 -5.09 0.91 -4.51
C TRP D 337 -4.56 -0.51 -4.64
N ASP D 338 -5.43 -1.52 -4.66
CA ASP D 338 -5.02 -2.89 -4.91
C ASP D 338 -5.25 -3.32 -6.35
N SER D 339 -5.36 -2.36 -7.27
CA SER D 339 -5.54 -2.55 -8.71
C SER D 339 -6.81 -3.34 -9.05
N PHE D 340 -7.85 -3.19 -8.22
CA PHE D 340 -9.11 -3.92 -8.39
C PHE D 340 -10.27 -2.94 -8.51
N LEU D 341 -11.05 -3.08 -9.59
CA LEU D 341 -12.30 -2.37 -9.76
C LEU D 341 -13.44 -3.31 -9.41
N LYS D 342 -14.21 -2.98 -8.38
CA LYS D 342 -15.32 -3.82 -7.96
C LYS D 342 -16.63 -3.11 -8.21
N ILE D 343 -17.56 -3.80 -8.87
CA ILE D 343 -18.84 -3.24 -9.27
C ILE D 343 -19.88 -3.77 -8.30
N TRP D 344 -20.27 -2.92 -7.35
CA TRP D 344 -21.22 -3.24 -6.32
C TRP D 344 -22.64 -2.95 -6.81
N ASN D 345 -23.57 -3.84 -6.47
CA ASN D 345 -24.96 -3.69 -6.85
C ASN D 345 -25.83 -4.44 -5.85
N THR E 6 4.47 45.39 -1.21
CA THR E 6 3.54 46.10 -2.08
C THR E 6 2.81 45.14 -3.01
N ALA E 7 2.89 43.85 -2.69
CA ALA E 7 2.23 42.82 -3.47
C ALA E 7 0.94 42.30 -2.82
N SER E 8 0.88 42.27 -1.48
CA SER E 8 -0.29 41.79 -0.79
C SER E 8 -1.43 42.80 -0.75
N ILE E 9 -1.17 44.05 -1.13
CA ILE E 9 -2.23 45.07 -1.14
C ILE E 9 -3.24 44.79 -2.25
N ALA E 10 -2.77 44.34 -3.41
CA ALA E 10 -3.68 44.00 -4.51
C ALA E 10 -4.46 42.72 -4.19
N GLN E 11 -3.83 41.77 -3.50
CA GLN E 11 -4.53 40.56 -3.08
C GLN E 11 -5.60 40.87 -2.04
N ALA E 12 -5.28 41.77 -1.10
CA ALA E 12 -6.28 42.17 -0.10
C ALA E 12 -7.41 42.96 -0.73
N ARG E 13 -7.10 43.78 -1.75
CA ARG E 13 -8.14 44.53 -2.44
C ARG E 13 -9.06 43.62 -3.24
N LYS E 14 -8.50 42.60 -3.90
CA LYS E 14 -9.31 41.61 -4.60
C LYS E 14 -10.13 40.77 -3.64
N LEU E 15 -9.59 40.49 -2.45
CA LEU E 15 -10.34 39.74 -1.45
C LEU E 15 -11.50 40.56 -0.89
N VAL E 16 -11.29 41.87 -0.70
CA VAL E 16 -12.37 42.75 -0.25
C VAL E 16 -13.45 42.86 -1.31
N GLU E 17 -13.05 42.98 -2.59
CA GLU E 17 -14.05 43.03 -3.67
C GLU E 17 -14.80 41.71 -3.81
N GLN E 18 -14.12 40.58 -3.57
CA GLN E 18 -14.77 39.28 -3.65
C GLN E 18 -15.76 39.10 -2.51
N LEU E 19 -15.40 39.51 -1.29
CA LEU E 19 -16.34 39.45 -0.18
C LEU E 19 -17.50 40.44 -0.36
N LYS E 20 -17.26 41.56 -1.03
CA LYS E 20 -18.34 42.49 -1.31
C LYS E 20 -19.31 41.92 -2.35
N MET E 21 -18.79 41.16 -3.32
CA MET E 21 -19.67 40.51 -4.28
C MET E 21 -20.42 39.34 -3.65
N GLU E 22 -19.78 38.62 -2.73
CA GLU E 22 -20.41 37.47 -2.11
C GLU E 22 -21.36 37.86 -0.97
N ALA E 23 -21.23 39.05 -0.42
CA ALA E 23 -22.08 39.45 0.70
C ALA E 23 -23.48 39.86 0.24
N ASN E 24 -23.57 40.51 -0.93
CA ASN E 24 -24.85 41.00 -1.43
C ASN E 24 -25.41 40.00 -2.45
N ILE E 25 -26.02 38.93 -1.93
CA ILE E 25 -26.69 37.92 -2.74
C ILE E 25 -28.06 37.66 -2.15
N ASP E 26 -28.90 37.01 -2.94
CA ASP E 26 -30.26 36.66 -2.52
C ASP E 26 -30.24 35.25 -1.95
N ARG E 27 -30.53 35.13 -0.65
CA ARG E 27 -30.49 33.86 0.04
C ARG E 27 -31.91 33.37 0.33
N ILE E 28 -32.10 32.06 0.17
CA ILE E 28 -33.39 31.41 0.40
C ILE E 28 -33.32 30.74 1.77
N LYS E 29 -34.47 30.62 2.43
CA LYS E 29 -34.56 30.03 3.76
C LYS E 29 -34.22 28.54 3.72
N VAL E 30 -33.84 28.03 4.88
CA VAL E 30 -33.39 26.63 4.97
C VAL E 30 -34.58 25.67 4.88
N SER E 31 -35.75 26.10 5.37
CA SER E 31 -36.91 25.21 5.43
C SER E 31 -37.48 24.93 4.03
N LYS E 32 -37.56 25.96 3.18
CA LYS E 32 -38.09 25.78 1.83
C LYS E 32 -37.14 24.96 0.96
N ALA E 33 -35.84 25.20 1.09
CA ALA E 33 -34.85 24.43 0.33
C ALA E 33 -34.79 22.98 0.82
N ALA E 34 -34.92 22.77 2.13
CA ALA E 34 -34.94 21.42 2.67
C ALA E 34 -36.20 20.66 2.25
N ALA E 35 -37.33 21.37 2.15
CA ALA E 35 -38.55 20.77 1.64
C ALA E 35 -38.42 20.41 0.17
N ASP E 36 -37.74 21.27 -0.61
CA ASP E 36 -37.49 20.97 -2.02
C ASP E 36 -36.56 19.77 -2.18
N LEU E 37 -35.55 19.64 -1.32
CA LEU E 37 -34.64 18.51 -1.39
C LEU E 37 -35.33 17.20 -1.00
N MET E 38 -36.14 17.21 0.05
CA MET E 38 -36.84 15.98 0.41
C MET E 38 -37.95 15.66 -0.58
N ALA E 39 -38.51 16.68 -1.25
CA ALA E 39 -39.49 16.41 -2.31
C ALA E 39 -38.82 15.80 -3.54
N TYR E 40 -37.60 16.24 -3.85
CA TYR E 40 -36.86 15.63 -4.96
C TYR E 40 -36.41 14.23 -4.62
N CYS E 41 -36.06 13.97 -3.36
CA CYS E 41 -35.65 12.62 -2.97
C CYS E 41 -36.84 11.68 -2.83
N GLU E 42 -38.03 12.21 -2.55
CA GLU E 42 -39.23 11.38 -2.42
C GLU E 42 -39.93 11.15 -3.74
N ALA E 43 -39.83 12.09 -4.69
CA ALA E 43 -40.52 11.94 -5.96
C ALA E 43 -39.84 10.91 -6.86
N HIS E 44 -38.51 10.90 -6.88
CA HIS E 44 -37.73 10.00 -7.72
C HIS E 44 -37.27 8.75 -6.98
N ALA E 45 -37.89 8.44 -5.84
CA ALA E 45 -37.47 7.30 -5.04
C ALA E 45 -37.90 5.96 -5.64
N LYS E 46 -38.87 5.96 -6.55
CA LYS E 46 -39.35 4.71 -7.14
C LYS E 46 -38.40 4.17 -8.20
N GLU E 47 -37.74 5.05 -8.96
CA GLU E 47 -36.89 4.66 -10.08
C GLU E 47 -35.41 4.67 -9.72
N ASP E 48 -35.07 4.35 -8.48
CA ASP E 48 -33.68 4.26 -8.06
C ASP E 48 -33.33 2.79 -7.81
N PRO E 49 -32.46 2.19 -8.64
CA PRO E 49 -32.11 0.77 -8.43
C PRO E 49 -31.22 0.54 -7.22
N LEU E 50 -30.56 1.58 -6.69
CA LEU E 50 -29.75 1.42 -5.49
C LEU E 50 -30.56 1.54 -4.22
N LEU E 51 -31.58 2.40 -4.21
CA LEU E 51 -32.44 2.56 -3.05
C LEU E 51 -33.36 1.35 -2.90
N THR E 52 -34.20 1.11 -3.92
CA THR E 52 -35.06 -0.06 -3.95
C THR E 52 -34.49 -1.08 -4.92
N PRO E 53 -34.23 -2.31 -4.51
CA PRO E 53 -33.60 -3.28 -5.42
C PRO E 53 -34.56 -3.78 -6.48
N VAL E 54 -33.98 -4.31 -7.55
CA VAL E 54 -34.74 -4.83 -8.69
C VAL E 54 -34.55 -6.33 -8.75
N PRO E 55 -35.49 -7.09 -9.34
CA PRO E 55 -35.26 -8.53 -9.51
C PRO E 55 -34.18 -8.82 -10.55
N ALA E 56 -33.79 -10.09 -10.61
CA ALA E 56 -32.68 -10.51 -11.46
C ALA E 56 -33.03 -10.52 -12.95
N SER E 57 -34.30 -10.38 -13.31
CA SER E 57 -34.68 -10.33 -14.72
C SER E 57 -34.29 -8.99 -15.33
N GLU E 58 -34.70 -7.89 -14.72
CA GLU E 58 -34.38 -6.57 -15.23
C GLU E 58 -33.01 -6.06 -14.77
N ASN E 59 -32.33 -6.79 -13.89
CA ASN E 59 -31.01 -6.37 -13.45
C ASN E 59 -29.98 -6.91 -14.44
N PRO E 60 -29.25 -6.03 -15.14
CA PRO E 60 -28.31 -6.52 -16.16
C PRO E 60 -27.00 -7.07 -15.62
N PHE E 61 -26.72 -6.91 -14.32
CA PHE E 61 -25.48 -7.38 -13.74
C PHE E 61 -25.62 -8.72 -13.03
N ARG E 62 -26.77 -9.38 -13.16
CA ARG E 62 -26.97 -10.70 -12.58
C ARG E 62 -27.32 -11.72 -13.65
N GLN F 3 -15.28 27.76 9.95
CA GLN F 3 -14.10 28.29 9.26
C GLN F 3 -12.89 28.32 10.18
N VAL F 4 -11.78 27.75 9.71
CA VAL F 4 -10.57 27.68 10.51
C VAL F 4 -9.92 29.06 10.55
N GLN F 5 -9.76 29.59 11.77
CA GLN F 5 -9.13 30.90 11.94
C GLN F 5 -8.34 30.93 13.24
N LEU F 6 -7.10 31.40 13.13
CA LEU F 6 -6.17 31.52 14.25
C LEU F 6 -5.82 32.98 14.45
N GLN F 7 -5.76 33.40 15.72
CA GLN F 7 -5.48 34.80 16.05
C GLN F 7 -4.35 34.86 17.06
N GLU F 8 -3.32 35.64 16.75
CA GLU F 8 -2.18 35.80 17.63
C GLU F 8 -2.36 37.03 18.53
N SER F 9 -1.66 37.02 19.66
CA SER F 9 -1.72 38.11 20.61
C SER F 9 -0.40 38.22 21.34
N GLY F 10 0.01 39.45 21.61
CA GLY F 10 1.28 39.74 22.26
C GLY F 10 2.28 40.36 21.30
N GLY F 11 3.40 40.80 21.88
CA GLY F 11 4.46 41.41 21.10
C GLY F 11 4.90 42.74 21.65
N GLY F 12 5.26 43.67 20.76
CA GLY F 12 5.72 44.97 21.16
C GLY F 12 7.23 45.06 21.26
N LEU F 13 7.69 46.27 21.60
CA LEU F 13 9.12 46.52 21.75
C LEU F 13 9.60 45.98 23.10
N VAL F 14 10.57 45.08 23.07
CA VAL F 14 11.12 44.47 24.28
C VAL F 14 12.63 44.67 24.30
N GLN F 15 13.20 44.52 25.48
CA GLN F 15 14.62 44.61 25.79
C GLN F 15 15.27 43.24 25.74
N PRO F 16 16.56 43.16 25.40
CA PRO F 16 17.25 41.86 25.43
C PRO F 16 17.44 41.36 26.86
N GLY F 17 17.05 40.11 27.10
CA GLY F 17 17.08 39.53 28.42
C GLY F 17 15.74 39.50 29.13
N GLY F 18 14.67 39.95 28.48
CA GLY F 18 13.35 39.97 29.07
C GLY F 18 12.50 38.78 28.64
N SER F 19 11.26 38.80 29.13
CA SER F 19 10.29 37.74 28.84
C SER F 19 9.08 38.32 28.13
N LEU F 20 8.36 37.46 27.41
CA LEU F 20 7.18 37.85 26.65
C LEU F 20 6.32 36.61 26.44
N ARG F 21 5.01 36.76 26.63
CA ARG F 21 4.09 35.64 26.52
C ARG F 21 3.20 35.86 25.29
N LEU F 22 3.40 35.04 24.26
CA LEU F 22 2.58 35.09 23.07
C LEU F 22 1.43 34.09 23.18
N SER F 23 0.25 34.51 22.76
CA SER F 23 -0.95 33.69 22.83
C SER F 23 -1.52 33.46 21.44
N CYS F 24 -2.18 32.33 21.27
CA CYS F 24 -2.81 31.96 20.00
C CYS F 24 -4.18 31.37 20.32
N ALA F 25 -5.22 32.01 19.80
CA ALA F 25 -6.60 31.59 19.99
C ALA F 25 -7.13 30.98 18.70
N ALA F 26 -7.86 29.88 18.85
CA ALA F 26 -8.36 29.11 17.72
C ALA F 26 -9.88 29.23 17.61
N SER F 27 -10.38 29.13 16.39
CA SER F 27 -11.83 29.10 16.17
C SER F 27 -12.13 28.35 14.88
N GLY F 28 -13.07 27.41 14.95
CA GLY F 28 -13.56 26.71 13.79
C GLY F 28 -13.17 25.25 13.68
N PHE F 29 -12.50 24.69 14.67
CA PHE F 29 -12.10 23.29 14.62
C PHE F 29 -11.93 22.76 16.04
N THR F 30 -11.70 21.46 16.15
CA THR F 30 -11.40 20.83 17.43
C THR F 30 -9.91 20.97 17.70
N PHE F 31 -9.56 21.58 18.83
CA PHE F 31 -8.18 21.97 19.07
C PHE F 31 -7.31 20.79 19.51
N SER F 32 -7.88 19.82 20.22
CA SER F 32 -7.11 18.76 20.86
C SER F 32 -6.81 17.58 19.92
N ASN F 33 -6.93 17.77 18.60
CA ASN F 33 -6.63 16.71 17.66
C ASN F 33 -5.47 17.03 16.72
N TYR F 34 -4.96 18.25 16.73
CA TYR F 34 -3.94 18.68 15.78
C TYR F 34 -2.66 19.02 16.52
N LYS F 35 -1.52 18.63 15.95
CA LYS F 35 -0.23 19.05 16.48
C LYS F 35 -0.01 20.52 16.12
N MET F 36 0.44 21.31 17.09
CA MET F 36 0.54 22.76 16.93
C MET F 36 1.99 23.19 16.80
N ASN F 37 2.19 24.27 16.03
CA ASN F 37 3.52 24.74 15.64
C ASN F 37 3.66 26.23 15.93
N TRP F 38 4.86 26.64 16.29
CA TRP F 38 5.27 28.05 16.27
C TRP F 38 6.40 28.22 15.27
N VAL F 39 6.21 29.15 14.33
CA VAL F 39 7.12 29.37 13.20
C VAL F 39 7.36 30.86 13.06
N ARG F 40 8.62 31.28 13.03
CA ARG F 40 8.94 32.69 12.87
C ARG F 40 9.45 32.99 11.47
N GLN F 41 9.43 34.27 11.11
CA GLN F 41 9.93 34.77 9.84
C GLN F 41 10.67 36.08 10.11
N ALA F 42 11.97 36.10 9.84
CA ALA F 42 12.74 37.32 10.05
C ALA F 42 12.64 38.22 8.83
N PRO F 43 12.70 39.54 9.03
CA PRO F 43 12.73 40.47 7.89
C PRO F 43 14.06 40.36 7.14
N GLY F 44 13.98 40.05 5.86
CA GLY F 44 15.15 39.79 5.04
C GLY F 44 15.46 38.32 4.84
N LYS F 45 14.74 37.43 5.54
CA LYS F 45 14.95 35.99 5.42
C LYS F 45 13.60 35.32 5.20
N GLY F 46 13.64 34.02 4.95
CA GLY F 46 12.45 33.22 4.77
C GLY F 46 11.89 32.73 6.09
N LEU F 47 10.84 31.91 5.99
CA LEU F 47 10.23 31.33 7.16
C LEU F 47 11.09 30.22 7.74
N GLU F 48 11.15 30.15 9.07
CA GLU F 48 11.91 29.10 9.74
C GLU F 48 11.13 28.59 10.95
N TRP F 49 11.17 27.28 11.13
CA TRP F 49 10.41 26.60 12.18
C TRP F 49 11.07 26.77 13.54
N VAL F 50 10.28 27.14 14.55
CA VAL F 50 10.81 27.33 15.89
C VAL F 50 10.53 26.11 16.75
N SER F 51 9.26 25.78 16.99
CA SER F 51 8.95 24.72 17.95
C SER F 51 7.60 24.09 17.64
N ASP F 52 7.32 22.97 18.32
CA ASP F 52 6.02 22.32 18.20
C ASP F 52 5.66 21.55 19.47
N ILE F 53 4.36 21.42 19.68
CA ILE F 53 3.80 20.61 20.76
C ILE F 53 2.73 19.70 20.17
N SER F 54 2.62 18.49 20.70
CA SER F 54 1.80 17.44 20.10
C SER F 54 0.33 17.63 20.47
N GLN F 55 -0.48 16.58 20.21
CA GLN F 55 -1.92 16.67 20.45
C GLN F 55 -2.24 16.68 21.93
N SER F 56 -1.77 15.67 22.67
CA SER F 56 -2.02 15.58 24.09
C SER F 56 -1.06 16.42 24.92
N GLY F 57 -0.06 17.04 24.30
CA GLY F 57 0.91 17.84 25.01
C GLY F 57 2.11 17.09 25.53
N ALA F 58 2.28 15.83 25.16
CA ALA F 58 3.39 15.03 25.66
C ALA F 58 4.68 15.35 24.92
N SER F 59 4.69 15.17 23.60
CA SER F 59 5.88 15.37 22.80
C SER F 59 6.06 16.86 22.51
N ILE F 60 7.14 17.44 23.04
CA ILE F 60 7.49 18.83 22.84
C ILE F 60 8.87 18.90 22.21
N SER F 61 8.98 19.57 21.06
CA SER F 61 10.28 19.68 20.40
C SER F 61 10.56 21.13 20.02
N TYR F 62 11.85 21.45 19.99
CA TYR F 62 12.32 22.80 19.73
C TYR F 62 13.37 22.78 18.63
N THR F 63 13.75 23.97 18.17
CA THR F 63 14.95 24.15 17.38
C THR F 63 16.14 24.29 18.34
N GLY F 64 17.33 23.94 17.87
CA GLY F 64 18.52 24.04 18.70
C GLY F 64 18.90 25.47 19.04
N SER F 65 18.59 26.42 18.16
CA SER F 65 18.89 27.82 18.43
C SER F 65 17.94 28.42 19.46
N VAL F 66 16.78 27.80 19.69
CA VAL F 66 15.80 28.29 20.65
C VAL F 66 15.64 27.38 21.86
N LYS F 67 16.42 26.31 21.95
CA LYS F 67 16.29 25.35 23.04
C LYS F 67 16.87 25.92 24.33
N GLY F 68 16.12 25.79 25.42
CA GLY F 68 16.52 26.31 26.71
C GLY F 68 16.11 27.75 26.98
N ARG F 69 15.45 28.41 26.04
CA ARG F 69 15.01 29.79 26.22
C ARG F 69 13.56 30.03 25.83
N PHE F 70 12.87 29.02 25.29
CA PHE F 70 11.48 29.14 24.88
C PHE F 70 10.69 28.00 25.52
N THR F 71 9.40 28.24 25.76
CA THR F 71 8.53 27.22 26.36
C THR F 71 7.18 27.25 25.66
N ILE F 72 6.86 26.17 24.96
CA ILE F 72 5.61 26.05 24.23
C ILE F 72 4.64 25.17 25.02
N SER F 73 3.43 25.68 25.26
CA SER F 73 2.42 24.93 25.99
C SER F 73 1.07 25.13 25.31
N ARG F 74 0.11 24.30 25.68
CA ARG F 74 -1.23 24.38 25.10
C ARG F 74 -2.26 24.03 26.17
N ASP F 75 -3.44 24.62 26.03
CA ASP F 75 -4.57 24.34 26.91
C ASP F 75 -5.74 23.95 26.02
N ASN F 76 -6.05 22.65 26.00
CA ASN F 76 -7.11 22.13 25.14
C ASN F 76 -8.49 22.47 25.70
N ALA F 77 -8.60 22.61 27.03
CA ALA F 77 -9.89 22.96 27.62
C ALA F 77 -10.24 24.42 27.36
N LYS F 78 -9.28 25.32 27.54
CA LYS F 78 -9.50 26.74 27.27
C LYS F 78 -9.25 27.11 25.81
N ASN F 79 -8.79 26.15 25.00
CA ASN F 79 -8.63 26.28 23.54
C ASN F 79 -7.65 27.40 23.19
N THR F 80 -6.40 27.21 23.63
CA THR F 80 -5.39 28.25 23.43
C THR F 80 -4.00 27.63 23.39
N LEU F 81 -3.06 28.40 22.82
CA LEU F 81 -1.67 27.98 22.65
C LEU F 81 -0.76 29.08 23.14
N TYR F 82 0.10 28.77 24.11
CA TYR F 82 0.96 29.77 24.73
C TYR F 82 2.43 29.52 24.40
N LEU F 83 3.20 30.60 24.34
CA LEU F 83 4.64 30.56 24.14
C LEU F 83 5.29 31.56 25.08
N GLN F 84 6.13 31.05 25.98
CA GLN F 84 6.87 31.87 26.94
C GLN F 84 8.28 32.10 26.41
N MET F 85 8.69 33.38 26.39
CA MET F 85 9.93 33.84 25.78
C MET F 85 10.76 34.54 26.84
N ASN F 86 11.56 33.79 27.59
CA ASN F 86 12.47 34.40 28.56
C ASN F 86 13.91 34.33 28.06
N SER F 87 14.73 35.27 28.55
CA SER F 87 16.13 35.47 28.16
C SER F 87 16.28 35.64 26.65
N LEU F 88 15.71 36.74 26.14
CA LEU F 88 15.64 36.96 24.71
C LEU F 88 17.01 37.39 24.15
N LYS F 89 17.04 37.54 22.83
CA LYS F 89 18.24 37.83 22.06
C LYS F 89 17.86 38.85 20.99
N PRO F 90 18.75 39.78 20.65
CA PRO F 90 18.45 40.75 19.59
C PRO F 90 18.33 40.15 18.19
N GLU F 91 18.70 38.89 18.00
CA GLU F 91 18.54 38.21 16.72
C GLU F 91 17.14 37.61 16.56
N ASP F 92 16.30 37.72 17.59
CA ASP F 92 14.98 37.10 17.59
C ASP F 92 13.87 38.05 17.18
N THR F 93 14.21 39.17 16.53
CA THR F 93 13.20 40.09 16.04
C THR F 93 12.59 39.54 14.76
N ALA F 94 11.33 39.11 14.83
CA ALA F 94 10.71 38.40 13.72
C ALA F 94 9.19 38.49 13.86
N VAL F 95 8.50 38.04 12.82
CA VAL F 95 7.06 37.88 12.83
C VAL F 95 6.77 36.43 13.19
N TYR F 96 6.02 36.22 14.26
CA TYR F 96 5.73 34.89 14.77
C TYR F 96 4.32 34.46 14.34
N TYR F 97 4.20 33.17 13.99
CA TYR F 97 2.96 32.57 13.55
C TYR F 97 2.70 31.32 14.37
N CYS F 98 1.44 31.09 14.71
CA CYS F 98 0.99 29.81 15.25
C CYS F 98 0.30 29.04 14.14
N ALA F 99 0.84 27.87 13.82
CA ALA F 99 0.39 27.09 12.68
C ALA F 99 -0.23 25.77 13.11
N ARG F 100 -1.14 25.28 12.29
CA ARG F 100 -1.85 24.03 12.52
C ARG F 100 -1.49 23.04 11.41
N CYS F 101 -1.17 21.81 11.81
CA CYS F 101 -0.94 20.76 10.84
C CYS F 101 -2.26 20.35 10.19
N PRO F 102 -2.27 20.01 8.89
CA PRO F 102 -3.54 19.84 8.19
C PRO F 102 -4.29 18.56 8.54
N ALA F 103 -3.58 17.46 8.83
CA ALA F 103 -4.37 16.27 9.07
C ALA F 103 -4.51 16.00 10.56
N PRO F 104 -5.69 15.58 11.01
CA PRO F 104 -5.84 15.17 12.41
C PRO F 104 -5.33 13.76 12.64
N PHE F 105 -4.92 13.51 13.89
CA PHE F 105 -4.46 12.21 14.38
C PHE F 105 -3.26 11.69 13.59
N THR F 106 -2.23 12.52 13.46
CA THR F 106 -1.03 12.12 12.73
C THR F 106 0.20 12.74 13.38
N ARG F 107 1.36 12.28 12.95
CA ARG F 107 2.64 12.73 13.49
C ARG F 107 3.44 13.53 12.47
N ASP F 108 3.02 13.56 11.21
CA ASP F 108 3.75 14.24 10.15
C ASP F 108 3.10 15.57 9.81
N CYS F 109 3.93 16.57 9.54
CA CYS F 109 3.45 17.90 9.16
C CYS F 109 4.31 18.39 7.99
N PHE F 110 3.70 18.51 6.82
CA PHE F 110 4.45 18.80 5.59
C PHE F 110 4.62 20.30 5.33
N ASP F 111 3.51 21.02 5.19
CA ASP F 111 3.53 22.37 4.63
C ASP F 111 3.41 23.45 5.69
N VAL F 112 4.02 23.24 6.86
CA VAL F 112 3.97 24.24 7.91
C VAL F 112 4.87 25.42 7.57
N THR F 113 6.12 25.15 7.22
CA THR F 113 7.06 26.20 6.85
C THR F 113 7.08 26.34 5.33
N SER F 114 6.00 26.95 4.82
CA SER F 114 5.85 27.19 3.39
C SER F 114 5.44 28.66 3.18
N THR F 115 5.41 29.06 1.92
CA THR F 115 5.12 30.44 1.58
C THR F 115 3.62 30.74 1.66
N THR F 116 2.81 29.99 0.92
CA THR F 116 1.36 30.23 0.85
C THR F 116 0.65 29.07 1.55
N TYR F 117 0.46 29.21 2.86
CA TYR F 117 -0.24 28.23 3.66
C TYR F 117 -1.40 28.92 4.37
N ALA F 118 -2.56 28.27 4.38
CA ALA F 118 -3.80 28.90 4.81
C ALA F 118 -4.28 28.46 6.19
N TYR F 119 -3.52 27.63 6.90
CA TYR F 119 -3.95 27.13 8.21
C TYR F 119 -3.17 27.77 9.35
N ARG F 120 -2.78 29.04 9.20
CA ARG F 120 -2.15 29.80 10.27
C ARG F 120 -2.65 31.24 10.22
N GLY F 121 -2.40 31.96 11.30
CA GLY F 121 -2.84 33.33 11.44
C GLY F 121 -1.95 34.32 10.73
N GLN F 122 -2.10 35.59 11.13
CA GLN F 122 -1.35 36.68 10.53
C GLN F 122 -0.04 36.98 11.26
N GLY F 123 0.14 36.46 12.47
CA GLY F 123 1.39 36.62 13.18
C GLY F 123 1.46 37.91 13.97
N THR F 124 2.56 38.05 14.71
CA THR F 124 2.80 39.24 15.51
C THR F 124 4.28 39.62 15.46
N GLN F 125 4.55 40.91 15.54
CA GLN F 125 5.91 41.43 15.45
C GLN F 125 6.56 41.44 16.82
N VAL F 126 7.74 40.83 16.92
CA VAL F 126 8.54 40.85 18.14
C VAL F 126 9.88 41.49 17.77
N THR F 127 10.10 42.70 18.28
CA THR F 127 11.30 43.46 17.98
C THR F 127 12.10 43.66 19.26
N VAL F 128 13.37 43.30 19.23
CA VAL F 128 14.23 43.45 20.40
C VAL F 128 15.17 44.64 20.20
#